data_9DVD
#
_entry.id   9DVD
#
_cell.length_a   1.00
_cell.length_b   1.00
_cell.length_c   1.00
_cell.angle_alpha   90.00
_cell.angle_beta   90.00
_cell.angle_gamma   90.00
#
_symmetry.space_group_name_H-M   'P 1'
#
loop_
_entity.id
_entity.type
_entity.pdbx_description
1 polymer Glycoprotein
2 polymer Ephrin-B2
3 polymer 'Fan HENV-270 heavy chain'
4 polymer 'Fan HENV-270 light chain'
5 branched alpha-L-fucopyranose-(1-6)-2-acetamido-2-deoxy-beta-D-glucopyranose
6 branched 2-acetamido-2-deoxy-beta-D-glucopyranose-(1-4)-2-acetamido-2-deoxy-beta-D-glucopyranose
7 non-polymer 2-acetamido-2-deoxy-beta-D-glucopyranose
8 non-polymer beta-D-mannopyranose
#
loop_
_entity_poly.entity_id
_entity_poly.type
_entity_poly.pdbx_seq_one_letter_code
_entity_poly.pdbx_strand_id
1 'polypeptide(L)'
;ISQGVSDLVGLPNQICLQKTTSTILKPRLISYTLPINTREGVCITDPLLAVDNGFFAYSHLEKIGSCTRGIAKQRIIGVG
EVLDRGDKVPSMFMTNVWTPPNPSTIHHCSSTYHEDFYYTLCAVSHVGDPILNSTSWTESLSLIRLAVRPKSDSGDYNQK
YIAITKVERGKYDKVMPYGPSGIKQGDTLYFPAVGFLPRTEFQYNDSNCPIIHCKYSKAENCRLSMGVNSKSHYILRSGL
LKYNLSLGGDIILQFIEIADNRLTIGSPSKIYNSLGQPVFYQASYSWDTMIKLGDVDTVDPLRVQWRNNSVISRPGQSQC
PRFNVCPEVCWEGTYNDAFLIDRLNWVSAGVYLNSNQTAENPVFAVFKDNEILYQVPLAEDDTNAQKTITDCFLLENVIW
CISLVEIYDTGDSVIRPKLFAVKIPAQCS
;
A
2 'polypeptide(L)'
;SIVLEPIYWNSSNSKFLPGQGLVLYPQIGDKLDIICPKVDSKTVGQYEYYKVYMVDKDQADRCTIKKENTPLLNCAKPDQ
DIKFTIKFQEFSPNLWGLEFQKNKDYYIISTSNGSLEGLDNQEGGVCQTRAMKILMKV
;
B
3 'polypeptide(L)'
;QVQLVQSGSELKKPGASVKVSCKASGYTFTSYAVNWVRQAPGQGLEWVGWMSTNTGDPIYAQGFTGRFVFSLDTSVSTAY
LQISSLKAEDSGVYYCAREGLRGRAFDIWGQGTMVTVSSA
;
H
4 'polypeptide(L)'
;SYELTQPPSVSVSPGQTARITCSGDKLGDKYAAWYQQKPGQSPVLVIYQNTKRPSGIPERFSGSSSGNTATLTISGTQAM
DEADYFCQAWDSRTNWVFGGGTKLTVLG
;
L
#
# COMPACT_ATOMS: atom_id res chain seq x y z
N ILE A 1 -21.77 -6.54 -15.96
CA ILE A 1 -21.04 -7.77 -16.24
C ILE A 1 -19.56 -7.56 -15.97
N SER A 2 -19.15 -6.30 -15.88
CA SER A 2 -17.76 -5.93 -15.63
C SER A 2 -17.65 -5.38 -14.22
N GLN A 3 -16.83 -6.01 -13.40
CA GLN A 3 -16.65 -5.57 -12.02
C GLN A 3 -15.83 -4.28 -11.98
N GLY A 4 -16.21 -3.38 -11.08
CA GLY A 4 -15.57 -2.09 -10.96
C GLY A 4 -14.52 -2.10 -9.86
N VAL A 5 -13.33 -1.62 -10.21
CA VAL A 5 -12.24 -1.54 -9.24
C VAL A 5 -12.54 -0.43 -8.25
N SER A 6 -12.40 -0.74 -6.96
CA SER A 6 -12.65 0.23 -5.91
C SER A 6 -11.58 0.09 -4.84
N ASP A 7 -11.43 1.14 -4.03
CA ASP A 7 -10.54 1.07 -2.89
C ASP A 7 -11.02 -0.04 -1.96
N LEU A 8 -10.08 -0.76 -1.37
CA LEU A 8 -10.43 -1.92 -0.56
C LEU A 8 -11.24 -1.47 0.65
N VAL A 9 -12.51 -1.87 0.67
CA VAL A 9 -13.53 -1.26 1.52
C VAL A 9 -14.48 -2.34 2.00
N GLY A 10 -15.25 -2.01 3.04
CA GLY A 10 -16.29 -2.89 3.52
C GLY A 10 -15.79 -3.93 4.49
N LEU A 11 -16.74 -4.57 5.18
CA LEU A 11 -16.40 -5.62 6.11
C LEU A 11 -15.91 -6.87 5.36
N PRO A 12 -15.06 -7.68 6.00
CA PRO A 12 -14.44 -8.79 5.24
C PRO A 12 -15.40 -9.91 4.89
N ASN A 13 -16.31 -10.27 5.79
CA ASN A 13 -17.14 -11.48 5.66
C ASN A 13 -16.19 -12.67 5.61
N GLN A 14 -16.20 -13.48 4.56
CA GLN A 14 -15.29 -14.61 4.48
C GLN A 14 -13.84 -14.13 4.42
N ILE A 15 -12.99 -14.77 5.22
CA ILE A 15 -11.56 -14.46 5.25
C ILE A 15 -10.83 -15.60 5.95
N CYS A 16 -9.57 -15.82 5.58
CA CYS A 16 -8.74 -16.84 6.21
C CYS A 16 -7.76 -16.18 7.17
N LEU A 17 -7.64 -16.77 8.36
CA LEU A 17 -6.73 -16.23 9.37
C LEU A 17 -5.93 -17.31 10.09
N GLN A 18 -6.14 -18.58 9.80
CA GLN A 18 -5.41 -19.67 10.43
C GLN A 18 -4.34 -20.20 9.47
N LYS A 19 -3.18 -20.54 10.02
CA LYS A 19 -2.06 -20.99 9.19
C LYS A 19 -2.43 -22.21 8.36
N THR A 20 -2.08 -22.15 7.08
CA THR A 20 -2.31 -23.25 6.15
C THR A 20 -1.04 -23.49 5.36
N THR A 21 -0.57 -24.74 5.36
CA THR A 21 0.70 -25.08 4.73
C THR A 21 0.57 -25.45 3.26
N SER A 22 -0.65 -25.46 2.72
CA SER A 22 -0.83 -25.84 1.33
C SER A 22 -0.47 -24.68 0.40
N THR A 23 -0.35 -25.00 -0.89
CA THR A 23 -0.08 -23.99 -1.92
C THR A 23 -1.42 -23.60 -2.54
N ILE A 24 -2.02 -22.54 -1.98
CA ILE A 24 -3.35 -22.11 -2.37
C ILE A 24 -3.27 -20.83 -3.21
N LEU A 25 -2.26 -20.00 -2.94
CA LEU A 25 -2.06 -18.79 -3.72
C LEU A 25 -1.59 -19.15 -5.14
N LYS A 26 -1.86 -18.25 -6.07
CA LYS A 26 -1.45 -18.45 -7.47
C LYS A 26 -1.00 -17.12 -8.07
N PRO A 27 0.29 -16.90 -8.30
CA PRO A 27 0.72 -15.86 -9.18
C PRO A 27 0.03 -16.01 -10.53
N ARG A 28 -0.71 -14.99 -10.92
CA ARG A 28 -1.56 -15.06 -12.10
C ARG A 28 -1.03 -14.13 -13.19
N LEU A 29 -0.79 -14.69 -14.37
CA LEU A 29 -0.40 -13.92 -15.54
C LEU A 29 -0.99 -14.57 -16.78
N GLU A 40 18.92 -6.41 -25.99
CA GLU A 40 19.59 -6.57 -24.71
C GLU A 40 20.47 -5.37 -24.40
N GLY A 41 21.33 -5.51 -23.39
CA GLY A 41 22.18 -4.41 -22.99
C GLY A 41 21.43 -3.21 -22.46
N VAL A 42 20.18 -3.39 -22.04
CA VAL A 42 19.34 -2.31 -21.55
C VAL A 42 18.81 -2.69 -20.18
N CYS A 43 18.94 -1.80 -19.21
CA CYS A 43 18.45 -2.02 -17.87
C CYS A 43 17.31 -1.06 -17.55
N ILE A 44 16.37 -1.53 -16.76
CA ILE A 44 15.25 -0.73 -16.28
C ILE A 44 15.16 -0.89 -14.78
N THR A 45 15.33 0.22 -14.05
CA THR A 45 15.32 0.20 -12.60
C THR A 45 14.56 1.42 -12.10
N ASP A 46 14.53 1.56 -10.77
CA ASP A 46 13.75 2.60 -10.11
C ASP A 46 12.33 2.70 -10.65
N PRO A 47 11.55 1.62 -10.62
CA PRO A 47 10.18 1.68 -11.14
C PRO A 47 9.22 2.26 -10.11
N LEU A 48 8.00 2.53 -10.58
CA LEU A 48 6.98 3.18 -9.78
C LEU A 48 5.61 2.61 -10.14
N LEU A 49 4.86 2.20 -9.13
CA LEU A 49 3.48 1.75 -9.31
C LEU A 49 2.61 2.33 -8.22
N ALA A 50 1.51 2.97 -8.62
CA ALA A 50 0.57 3.59 -7.69
C ALA A 50 -0.84 3.36 -8.21
N VAL A 51 -1.62 2.60 -7.45
CA VAL A 51 -2.99 2.26 -7.83
C VAL A 51 -3.94 2.90 -6.82
N ASP A 52 -4.85 3.74 -7.31
CA ASP A 52 -5.88 4.34 -6.47
C ASP A 52 -7.14 4.49 -7.31
N ASN A 53 -8.21 3.84 -6.87
CA ASN A 53 -9.54 3.99 -7.48
C ASN A 53 -9.52 3.70 -8.98
N GLY A 54 -8.73 2.71 -9.38
CA GLY A 54 -8.73 2.27 -10.76
C GLY A 54 -7.97 3.14 -11.73
N PHE A 55 -6.92 3.83 -11.28
CA PHE A 55 -6.07 4.63 -12.15
C PHE A 55 -4.62 4.44 -11.71
N PHE A 56 -3.91 3.57 -12.40
CA PHE A 56 -2.55 3.21 -12.04
C PHE A 56 -1.54 4.13 -12.72
N ALA A 57 -0.29 4.05 -12.24
CA ALA A 57 0.81 4.79 -12.83
C ALA A 57 2.05 3.91 -12.86
N TYR A 58 2.77 3.93 -13.98
CA TYR A 58 3.98 3.14 -14.15
C TYR A 58 5.11 4.05 -14.59
N SER A 59 6.22 4.02 -13.84
CA SER A 59 7.40 4.80 -14.18
C SER A 59 8.62 3.89 -14.09
N HIS A 60 9.71 4.31 -14.73
CA HIS A 60 10.94 3.55 -14.71
C HIS A 60 12.09 4.41 -15.20
N LEU A 61 13.31 3.89 -15.05
CA LEU A 61 14.54 4.55 -15.46
C LEU A 61 15.27 3.62 -16.40
N GLU A 62 14.96 3.71 -17.70
CA GLU A 62 15.62 2.85 -18.67
C GLU A 62 17.08 3.25 -18.81
N LYS A 63 17.97 2.25 -18.75
CA LYS A 63 19.41 2.48 -18.76
C LYS A 63 20.08 1.51 -19.73
N ILE A 64 21.26 1.91 -20.22
CA ILE A 64 22.02 1.14 -21.19
C ILE A 64 23.14 0.40 -20.45
N GLY A 65 23.24 -0.91 -20.71
CA GLY A 65 24.33 -1.69 -20.17
C GLY A 65 24.25 -1.92 -18.68
N SER A 66 25.12 -1.26 -17.92
CA SER A 66 25.13 -1.39 -16.48
C SER A 66 23.76 -1.04 -15.90
N CYS A 67 23.31 -1.84 -14.95
CA CYS A 67 21.98 -1.68 -14.39
C CYS A 67 22.01 -0.92 -13.07
N THR A 68 23.15 -0.37 -12.69
CA THR A 68 23.25 0.54 -11.57
C THR A 68 23.95 1.85 -11.90
N ARG A 69 24.89 1.85 -12.85
CA ARG A 69 25.63 3.04 -13.25
C ARG A 69 25.55 3.28 -14.76
N GLY A 70 24.64 2.61 -15.45
CA GLY A 70 24.57 2.70 -16.89
C GLY A 70 24.07 4.05 -17.37
N ILE A 71 24.01 4.18 -18.69
CA ILE A 71 23.59 5.44 -19.32
C ILE A 71 22.07 5.53 -19.26
N ALA A 72 21.56 6.61 -18.69
CA ALA A 72 20.12 6.78 -18.52
C ALA A 72 19.46 7.04 -19.88
N LYS A 73 18.98 5.98 -20.53
CA LYS A 73 18.43 6.11 -21.87
C LYS A 73 17.19 6.99 -21.87
N GLN A 74 16.22 6.67 -21.02
CA GLN A 74 14.99 7.45 -20.94
C GLN A 74 14.28 7.13 -19.64
N ARG A 75 13.41 8.04 -19.23
CA ARG A 75 12.51 7.83 -18.10
C ARG A 75 11.11 8.12 -18.56
N ILE A 76 10.17 7.22 -18.24
CA ILE A 76 8.81 7.29 -18.76
C ILE A 76 7.84 7.31 -17.59
N ILE A 77 6.91 8.27 -17.61
CA ILE A 77 5.85 8.35 -16.61
C ILE A 77 4.52 8.36 -17.36
N GLY A 78 3.64 7.43 -17.00
CA GLY A 78 2.34 7.33 -17.65
C GLY A 78 1.31 6.80 -16.67
N VAL A 79 0.04 7.11 -16.97
CA VAL A 79 -1.08 6.71 -16.13
C VAL A 79 -2.10 5.97 -16.99
N GLY A 80 -2.56 4.83 -16.49
CA GLY A 80 -3.64 4.10 -17.12
C GLY A 80 -4.70 3.74 -16.09
N GLU A 81 -5.68 2.96 -16.54
CA GLU A 81 -6.82 2.59 -15.71
C GLU A 81 -6.79 1.08 -15.42
N VAL A 82 -7.19 0.72 -14.20
CA VAL A 82 -7.22 -0.66 -13.76
C VAL A 82 -8.59 -1.25 -14.11
N LEU A 83 -8.63 -2.07 -15.15
CA LEU A 83 -9.85 -2.69 -15.62
C LEU A 83 -9.73 -4.21 -15.56
N ASP A 84 -10.88 -4.86 -15.67
CA ASP A 84 -10.91 -6.32 -15.79
C ASP A 84 -10.44 -6.72 -17.18
N ARG A 85 -9.75 -7.86 -17.24
CA ARG A 85 -9.25 -8.40 -18.50
C ARG A 85 -10.36 -8.80 -19.45
N GLY A 86 -11.60 -8.89 -18.98
CA GLY A 86 -12.68 -9.53 -19.70
C GLY A 86 -12.96 -10.94 -19.27
N ASP A 87 -12.05 -11.54 -18.49
CA ASP A 87 -12.24 -12.85 -17.90
C ASP A 87 -12.08 -12.80 -16.39
N LYS A 88 -12.50 -11.70 -15.78
CA LYS A 88 -12.56 -11.47 -14.34
C LYS A 88 -11.19 -11.39 -13.68
N VAL A 89 -10.10 -11.52 -14.43
CA VAL A 89 -8.76 -11.42 -13.87
C VAL A 89 -8.29 -9.98 -14.01
N PRO A 90 -7.83 -9.33 -12.94
CA PRO A 90 -7.39 -7.94 -13.05
C PRO A 90 -6.20 -7.80 -13.96
N SER A 91 -6.11 -6.63 -14.62
CA SER A 91 -5.01 -6.33 -15.52
C SER A 91 -4.59 -4.88 -15.30
N MET A 92 -3.67 -4.43 -16.14
CA MET A 92 -3.16 -3.05 -16.07
C MET A 92 -3.15 -2.51 -17.50
N PHE A 93 -4.05 -1.57 -17.79
CA PHE A 93 -4.16 -0.97 -19.11
C PHE A 93 -3.75 0.50 -19.05
N MET A 94 -3.07 0.96 -20.10
CA MET A 94 -2.50 2.30 -20.15
C MET A 94 -3.00 3.03 -21.38
N THR A 95 -3.25 4.33 -21.24
CA THR A 95 -3.66 5.18 -22.35
C THR A 95 -2.82 6.44 -22.52
N ASN A 96 -2.07 6.86 -21.50
CA ASN A 96 -1.29 8.09 -21.57
C ASN A 96 0.15 7.79 -21.19
N VAL A 97 1.09 8.26 -22.01
CA VAL A 97 2.52 8.15 -21.74
C VAL A 97 3.17 9.51 -22.00
N TRP A 98 4.32 9.73 -21.39
CA TRP A 98 5.02 11.00 -21.54
C TRP A 98 6.48 10.82 -21.13
N THR A 99 7.38 11.46 -21.88
CA THR A 99 8.82 11.34 -21.66
C THR A 99 9.44 12.72 -21.51
N PRO A 100 10.19 12.97 -20.44
CA PRO A 100 10.89 14.25 -20.30
C PRO A 100 11.96 14.43 -21.36
N PRO A 101 12.38 15.67 -21.64
CA PRO A 101 13.42 15.90 -22.65
C PRO A 101 14.75 15.25 -22.30
N ASN A 102 15.30 15.57 -21.13
CA ASN A 102 16.59 15.03 -20.72
C ASN A 102 16.36 13.99 -19.62
N PRO A 103 16.64 12.71 -19.88
CA PRO A 103 16.39 11.69 -18.86
C PRO A 103 17.19 11.87 -17.59
N SER A 104 18.42 12.40 -17.67
CA SER A 104 19.30 12.42 -16.52
C SER A 104 18.74 13.29 -15.39
N THR A 105 18.15 14.44 -15.74
CA THR A 105 17.71 15.38 -14.72
C THR A 105 16.59 14.79 -13.87
N ILE A 106 15.55 14.25 -14.50
CA ILE A 106 14.37 13.78 -13.78
C ILE A 106 14.64 12.37 -13.26
N HIS A 107 14.59 12.21 -11.94
CA HIS A 107 14.80 10.92 -11.32
C HIS A 107 14.02 10.83 -10.01
N HIS A 108 13.77 9.60 -9.58
CA HIS A 108 13.17 9.31 -8.27
C HIS A 108 11.81 9.98 -8.13
N CYS A 109 10.91 9.64 -9.04
CA CYS A 109 9.57 10.23 -9.04
C CYS A 109 8.64 9.44 -8.13
N SER A 111 3.81 8.97 -7.04
CA SER A 111 2.67 9.68 -7.60
C SER A 111 1.46 9.59 -6.68
N THR A 112 0.46 10.44 -6.93
CA THR A 112 -0.71 10.50 -6.07
C THR A 112 -1.93 10.80 -6.94
N TYR A 113 -3.10 10.45 -6.41
CA TYR A 113 -4.37 10.61 -7.12
C TYR A 113 -5.16 11.77 -6.51
N HIS A 114 -5.57 12.70 -7.35
CA HIS A 114 -6.69 13.59 -7.08
C HIS A 114 -7.54 13.65 -8.32
N GLU A 115 -8.83 13.92 -8.15
CA GLU A 115 -9.81 13.71 -9.20
C GLU A 115 -9.41 14.44 -10.48
N ASP A 116 -9.55 13.72 -11.60
CA ASP A 116 -9.34 14.24 -12.95
C ASP A 116 -7.87 14.47 -13.28
N PHE A 117 -6.98 14.28 -12.32
CA PHE A 117 -5.55 14.50 -12.51
C PHE A 117 -4.76 13.36 -11.87
N TYR A 118 -3.44 13.42 -12.03
CA TYR A 118 -2.55 12.49 -11.34
C TYR A 118 -1.20 13.21 -11.20
N TYR A 119 -0.97 13.77 -10.03
CA TYR A 119 0.23 14.56 -9.80
C TYR A 119 1.41 13.66 -9.43
N THR A 120 2.53 13.83 -10.13
CA THR A 120 3.73 13.05 -9.90
C THR A 120 4.88 14.01 -9.62
N LEU A 121 5.24 14.15 -8.34
CA LEU A 121 6.35 15.00 -7.96
C LEU A 121 7.67 14.30 -8.27
N CYS A 122 8.57 15.01 -8.94
CA CYS A 122 9.84 14.45 -9.38
C CYS A 122 10.98 15.32 -8.87
N ALA A 123 12.20 14.95 -9.24
CA ALA A 123 13.40 15.68 -8.86
C ALA A 123 14.24 15.93 -10.10
N VAL A 124 14.70 17.17 -10.26
CA VAL A 124 15.56 17.55 -11.38
C VAL A 124 17.00 17.44 -10.90
N SER A 125 17.77 16.56 -11.52
CA SER A 125 19.12 16.21 -11.05
C SER A 125 20.05 16.04 -12.25
N HIS A 126 20.71 17.11 -12.66
CA HIS A 126 21.65 17.02 -13.77
C HIS A 126 22.89 16.23 -13.37
N VAL A 127 23.32 16.35 -12.13
CA VAL A 127 24.53 15.65 -11.66
C VAL A 127 24.28 14.15 -11.58
N GLY A 128 23.12 13.76 -11.09
CA GLY A 128 22.84 12.35 -10.88
C GLY A 128 21.94 12.16 -9.68
N ASP A 129 21.97 10.94 -9.15
CA ASP A 129 21.11 10.62 -8.02
C ASP A 129 21.51 11.45 -6.81
N PRO A 130 20.59 12.23 -6.22
CA PRO A 130 20.97 13.09 -5.09
C PRO A 130 21.49 12.33 -3.88
N ILE A 131 21.16 11.05 -3.75
CA ILE A 131 21.74 10.24 -2.68
C ILE A 131 23.24 10.05 -2.90
N LEU A 132 23.63 9.84 -4.16
CA LEU A 132 25.02 9.47 -4.45
C LEU A 132 25.98 10.62 -4.13
N ASN A 133 25.71 11.81 -4.65
CA ASN A 133 26.52 12.99 -4.38
C ASN A 133 25.55 14.13 -4.06
N SER A 134 25.33 14.38 -2.78
CA SER A 134 24.25 15.27 -2.36
C SER A 134 24.59 16.73 -2.61
N THR A 135 25.83 17.13 -2.34
CA THR A 135 26.22 18.51 -2.58
C THR A 135 26.16 18.86 -4.05
N SER A 136 26.39 17.88 -4.92
CA SER A 136 26.29 18.11 -6.36
C SER A 136 24.88 18.50 -6.74
N TRP A 137 23.88 18.00 -6.02
CA TRP A 137 22.50 18.38 -6.28
C TRP A 137 22.16 19.72 -5.66
N THR A 138 21.53 20.58 -6.46
CA THR A 138 20.86 21.77 -5.97
C THR A 138 19.36 21.47 -5.85
N GLU A 139 18.71 22.09 -4.88
CA GLU A 139 17.30 21.77 -4.62
C GLU A 139 16.44 22.10 -5.83
N SER A 140 15.85 21.08 -6.41
CA SER A 140 15.04 21.25 -7.62
C SER A 140 13.90 20.24 -7.59
N LEU A 141 12.66 20.74 -7.63
CA LEU A 141 11.48 19.90 -7.59
C LEU A 141 10.56 20.27 -8.74
N SER A 142 10.08 19.25 -9.45
CA SER A 142 9.15 19.45 -10.56
C SER A 142 7.99 18.47 -10.42
N LEU A 143 6.77 18.97 -10.56
CA LEU A 143 5.57 18.14 -10.52
C LEU A 143 5.02 18.01 -11.93
N ILE A 144 4.75 16.78 -12.34
CA ILE A 144 4.20 16.48 -13.66
C ILE A 144 2.85 15.80 -13.47
N ARG A 145 1.82 16.38 -14.05
CA ARG A 145 0.47 15.83 -13.97
C ARG A 145 0.03 15.33 -15.34
N LEU A 146 -0.68 14.20 -15.35
CA LEU A 146 -1.25 13.64 -16.56
C LEU A 146 -2.74 13.43 -16.32
N ALA A 147 -3.56 13.91 -17.24
CA ALA A 147 -5.01 13.73 -17.11
C ALA A 147 -5.33 12.25 -17.11
N VAL A 148 -6.12 11.83 -16.12
CA VAL A 148 -6.41 10.41 -15.96
C VAL A 148 -7.16 9.85 -17.17
N ARG A 149 -7.93 10.69 -17.85
CA ARG A 149 -8.60 10.31 -19.08
C ARG A 149 -8.18 11.26 -20.19
N PRO A 150 -7.66 10.76 -21.31
CA PRO A 150 -7.25 11.66 -22.39
C PRO A 150 -8.42 12.45 -22.95
N LYS A 151 -8.14 13.70 -23.32
CA LYS A 151 -9.17 14.59 -23.83
C LYS A 151 -8.58 15.41 -24.96
N SER A 152 -9.16 15.31 -26.15
CA SER A 152 -8.66 16.03 -27.30
C SER A 152 -8.89 17.52 -27.13
N ASP A 153 -7.94 18.32 -27.64
CA ASP A 153 -7.97 19.78 -27.53
C ASP A 153 -7.98 20.22 -26.07
N SER A 154 -7.37 19.43 -25.20
CA SER A 154 -7.33 19.76 -23.78
C SER A 154 -6.47 20.98 -23.52
N GLY A 155 -5.26 21.00 -24.07
CA GLY A 155 -4.30 22.05 -23.76
C GLY A 155 -3.45 21.67 -22.54
N ASP A 156 -3.47 22.52 -21.51
CA ASP A 156 -2.68 22.25 -20.33
C ASP A 156 -3.27 21.10 -19.50
N TYR A 157 -4.58 20.85 -19.64
CA TYR A 157 -5.24 19.89 -18.76
C TYR A 157 -4.70 18.48 -18.97
N ASN A 158 -4.35 18.13 -20.22
CA ASN A 158 -3.90 16.77 -20.49
C ASN A 158 -2.53 16.49 -19.89
N GLN A 159 -1.57 17.41 -20.07
CA GLN A 159 -0.22 17.25 -19.55
C GLN A 159 0.28 18.58 -19.02
N LYS A 160 0.87 18.56 -17.82
CA LYS A 160 1.45 19.75 -17.23
C LYS A 160 2.83 19.46 -16.68
N TYR A 161 3.68 20.49 -16.68
CA TYR A 161 5.05 20.42 -16.20
C TYR A 161 5.32 21.68 -15.38
N ILE A 162 5.22 21.57 -14.06
CA ILE A 162 5.40 22.70 -13.17
C ILE A 162 6.59 22.42 -12.26
N ALA A 163 7.49 23.39 -12.17
CA ALA A 163 8.56 23.38 -11.18
C ALA A 163 8.23 24.42 -10.13
N ILE A 164 8.11 23.97 -8.87
CA ILE A 164 7.74 24.89 -7.80
C ILE A 164 8.84 25.91 -7.59
N THR A 165 8.44 27.15 -7.31
CA THR A 165 9.41 28.21 -7.05
C THR A 165 10.05 28.06 -5.67
N LYS A 166 9.31 27.53 -4.69
CA LYS A 166 9.81 27.42 -3.34
C LYS A 166 9.21 26.20 -2.67
N VAL A 167 9.93 25.68 -1.68
CA VAL A 167 9.44 24.61 -0.81
C VAL A 167 9.81 24.97 0.62
N GLU A 168 8.86 24.80 1.54
CA GLU A 168 9.12 25.13 2.94
C GLU A 168 9.73 23.90 3.60
N ARG A 169 11.06 23.83 3.53
CA ARG A 169 11.78 22.65 4.02
C ARG A 169 11.89 22.63 5.54
N GLY A 170 12.08 23.79 6.17
CA GLY A 170 12.30 23.81 7.61
C GLY A 170 13.77 23.63 7.92
N LYS A 171 14.07 22.67 8.80
CA LYS A 171 15.47 22.41 9.15
C LYS A 171 16.23 21.80 7.96
N TYR A 172 15.53 21.05 7.12
CA TYR A 172 16.15 20.43 5.96
C TYR A 172 16.64 21.50 5.00
N ASP A 173 17.76 21.23 4.34
CA ASP A 173 18.26 22.16 3.34
C ASP A 173 17.80 21.77 1.94
N LYS A 174 17.44 20.50 1.75
CA LYS A 174 16.81 20.08 0.51
C LYS A 174 16.04 18.80 0.76
N VAL A 175 14.85 18.72 0.14
CA VAL A 175 14.01 17.54 0.18
C VAL A 175 13.57 17.23 -1.24
N MET A 176 13.16 15.98 -1.46
CA MET A 176 12.87 15.50 -2.81
C MET A 176 11.91 14.34 -2.69
N PRO A 177 11.14 14.04 -3.74
CA PRO A 177 10.26 12.87 -3.71
C PRO A 177 11.08 11.59 -3.68
N TYR A 178 10.65 10.65 -2.86
CA TYR A 178 11.41 9.44 -2.63
C TYR A 178 10.59 8.17 -2.67
N GLY A 179 9.26 8.27 -2.63
CA GLY A 179 8.42 7.09 -2.64
C GLY A 179 7.49 7.03 -3.83
N PRO A 180 7.06 5.82 -4.19
CA PRO A 180 6.26 5.65 -5.41
C PRO A 180 4.83 6.19 -5.35
N SER A 181 4.10 5.92 -4.27
CA SER A 181 2.67 6.18 -4.23
C SER A 181 2.30 7.06 -3.05
N GLY A 182 1.27 7.88 -3.24
CA GLY A 182 0.83 8.82 -2.22
C GLY A 182 -0.63 8.71 -1.82
N ILE A 183 -1.11 9.66 -1.02
CA ILE A 183 -2.48 9.67 -0.52
C ILE A 183 -3.08 11.05 -0.72
N LYS A 184 -4.42 11.10 -0.66
CA LYS A 184 -5.19 12.34 -0.82
C LYS A 184 -6.13 12.47 0.37
N GLN A 185 -5.65 13.12 1.44
CA GLN A 185 -6.50 13.38 2.61
C GLN A 185 -7.44 14.53 2.27
N GLY A 186 -8.47 14.21 1.50
CA GLY A 186 -9.41 15.22 1.04
C GLY A 186 -8.96 15.91 -0.23
N ASP A 187 -9.04 17.23 -0.26
CA ASP A 187 -8.54 17.98 -1.40
C ASP A 187 -7.01 18.03 -1.40
N THR A 188 -6.40 18.00 -0.22
CA THR A 188 -4.95 18.11 -0.12
C THR A 188 -4.26 16.92 -0.77
N LEU A 189 -3.14 17.17 -1.43
CA LEU A 189 -2.32 16.14 -2.04
C LEU A 189 -1.16 15.80 -1.14
N TYR A 190 -0.66 14.57 -1.26
CA TYR A 190 0.48 14.13 -0.47
C TYR A 190 1.40 13.28 -1.33
N PHE A 191 2.70 13.54 -1.24
CA PHE A 191 3.72 12.81 -1.97
C PHE A 191 4.80 12.38 -0.99
N PRO A 192 5.21 11.11 -1.00
CA PRO A 192 6.29 10.69 -0.11
C PRO A 192 7.58 11.39 -0.47
N ALA A 193 8.40 11.65 0.54
CA ALA A 193 9.61 12.42 0.33
C ALA A 193 10.68 12.02 1.34
N VAL A 194 11.91 12.33 1.00
CA VAL A 194 13.05 12.14 1.89
C VAL A 194 13.68 13.51 2.15
N GLY A 195 14.34 13.63 3.29
CA GLY A 195 14.96 14.88 3.65
C GLY A 195 16.46 14.79 3.84
N PHE A 196 17.21 15.66 3.16
CA PHE A 196 18.68 15.65 3.22
C PHE A 196 19.15 16.58 4.33
N LEU A 197 18.61 16.35 5.52
CA LEU A 197 18.95 17.20 6.65
C LEU A 197 20.45 17.07 6.95
N PRO A 198 21.13 18.17 7.24
CA PRO A 198 22.59 18.11 7.42
C PRO A 198 22.96 17.29 8.65
N ARG A 199 24.02 16.48 8.48
CA ARG A 199 24.39 15.52 9.51
C ARG A 199 24.67 16.21 10.83
N THR A 200 25.08 17.47 10.79
CA THR A 200 25.32 18.22 12.02
C THR A 200 24.00 18.59 12.70
N GLU A 201 22.98 18.94 11.92
CA GLU A 201 21.73 19.43 12.50
C GLU A 201 20.98 18.34 13.23
N PHE A 202 21.12 17.08 12.77
CA PHE A 202 20.32 16.01 13.33
C PHE A 202 20.72 15.68 14.76
N GLN A 203 19.72 15.39 15.59
CA GLN A 203 19.92 14.97 16.96
C GLN A 203 19.16 13.67 17.21
N TYR A 204 19.81 12.76 17.93
CA TYR A 204 19.22 11.47 18.26
C TYR A 204 19.86 10.98 19.55
N ASN A 205 19.03 10.60 20.52
CA ASN A 205 19.57 10.11 21.78
C ASN A 205 20.03 8.67 21.61
N ASP A 206 21.24 8.39 22.11
CA ASP A 206 21.81 7.06 21.97
C ASP A 206 20.96 6.02 22.70
N SER A 207 20.40 6.39 23.84
CA SER A 207 19.58 5.46 24.62
C SER A 207 18.35 5.01 23.87
N ASN A 208 17.90 5.78 22.87
CA ASN A 208 16.80 5.34 22.03
C ASN A 208 17.18 4.09 21.25
N CYS A 209 18.42 4.03 20.77
CA CYS A 209 18.87 2.86 20.05
C CYS A 209 19.02 1.69 21.02
N PRO A 210 18.29 0.59 20.82
CA PRO A 210 18.33 -0.56 21.76
C PRO A 210 19.55 -1.47 21.55
N ILE A 211 20.64 -1.10 22.22
CA ILE A 211 21.88 -1.88 22.16
C ILE A 211 21.73 -3.23 22.84
N ILE A 212 20.68 -3.40 23.66
CA ILE A 212 20.52 -4.64 24.41
C ILE A 212 20.24 -5.81 23.48
N HIS A 213 20.42 -7.02 24.01
CA HIS A 213 20.22 -8.30 23.32
C HIS A 213 21.23 -8.53 22.21
N CYS A 214 22.25 -7.69 22.08
CA CYS A 214 23.28 -7.87 21.06
C CYS A 214 24.61 -7.35 21.62
N LYS A 215 25.63 -8.19 21.58
CA LYS A 215 26.92 -7.86 22.18
C LYS A 215 27.91 -7.25 21.20
N TYR A 216 27.72 -7.47 19.89
CA TYR A 216 28.63 -6.94 18.88
C TYR A 216 28.27 -5.52 18.45
N SER A 217 27.28 -4.90 19.07
CA SER A 217 26.75 -3.64 18.60
C SER A 217 27.35 -2.46 19.38
N LYS A 218 27.11 -1.27 18.86
CA LYS A 218 27.60 -0.05 19.50
C LYS A 218 26.51 1.00 19.38
N ALA A 219 26.46 1.91 20.36
CA ALA A 219 25.36 2.86 20.46
C ALA A 219 25.28 3.76 19.23
N GLU A 220 26.43 4.18 18.70
CA GLU A 220 26.47 5.12 17.59
C GLU A 220 25.92 4.53 16.30
N ASN A 221 25.67 3.23 16.25
CA ASN A 221 25.32 2.58 15.00
C ASN A 221 24.01 3.11 14.44
N CYS A 222 23.03 3.40 15.32
CA CYS A 222 21.76 3.94 14.85
C CYS A 222 21.95 5.29 14.16
N ARG A 223 22.79 6.17 14.73
CA ARG A 223 23.05 7.44 14.09
C ARG A 223 23.86 7.30 12.82
N LEU A 224 24.93 6.51 12.85
CA LEU A 224 25.80 6.40 11.68
C LEU A 224 25.14 5.62 10.55
N SER A 225 24.26 4.67 10.87
CA SER A 225 23.52 4.00 9.81
C SER A 225 22.57 4.96 9.11
N MET A 226 22.16 6.02 9.80
CA MET A 226 21.21 6.96 9.22
C MET A 226 21.74 7.56 7.92
N GLY A 227 23.00 7.97 7.91
CA GLY A 227 23.58 8.52 6.70
C GLY A 227 23.94 7.43 5.71
N VAL A 228 24.30 7.85 4.50
CA VAL A 228 24.77 6.90 3.49
C VAL A 228 25.99 6.16 4.00
N ASN A 229 26.93 6.89 4.59
CA ASN A 229 28.06 6.29 5.29
C ASN A 229 28.23 6.98 6.63
N SER A 230 29.28 6.63 7.37
CA SER A 230 29.54 7.31 8.63
C SER A 230 30.06 8.71 8.42
N LYS A 231 30.61 9.01 7.24
CA LYS A 231 31.11 10.34 6.91
C LYS A 231 30.22 11.07 5.91
N SER A 232 29.01 10.56 5.67
CA SER A 232 28.11 11.20 4.71
C SER A 232 27.69 12.58 5.20
N HIS A 233 27.35 13.45 4.24
CA HIS A 233 27.07 14.84 4.60
C HIS A 233 25.69 15.00 5.22
N TYR A 234 24.72 14.19 4.80
CA TYR A 234 23.33 14.42 5.17
C TYR A 234 22.67 13.13 5.65
N ILE A 235 21.96 13.22 6.76
CA ILE A 235 21.03 12.16 7.17
C ILE A 235 19.80 12.23 6.30
N LEU A 236 19.22 11.08 5.98
CA LEU A 236 18.00 11.00 5.19
C LEU A 236 16.87 10.45 6.06
N ARG A 237 15.76 11.18 6.12
CA ARG A 237 14.57 10.76 6.85
C ARG A 237 13.39 10.74 5.89
N SER A 238 12.66 9.63 5.88
CA SER A 238 11.51 9.51 5.01
C SER A 238 10.37 10.39 5.50
N GLY A 239 9.52 10.81 4.59
CA GLY A 239 8.42 11.68 4.96
C GLY A 239 7.43 11.87 3.84
N LEU A 240 6.47 12.76 4.09
CA LEU A 240 5.38 13.04 3.17
C LEU A 240 5.42 14.51 2.79
N LEU A 241 5.40 14.79 1.49
CA LEU A 241 5.41 16.15 0.97
C LEU A 241 4.00 16.51 0.51
N LYS A 242 3.43 17.56 1.08
CA LYS A 242 2.05 17.94 0.87
C LYS A 242 1.93 19.04 -0.17
N TYR A 243 0.72 19.18 -0.70
CA TYR A 243 0.38 20.26 -1.62
C TYR A 243 -1.13 20.49 -1.54
N ASN A 244 -1.52 21.72 -1.20
CA ASN A 244 -2.92 22.10 -1.15
C ASN A 244 -3.38 22.43 -2.57
N LEU A 245 -4.09 21.49 -3.19
CA LEU A 245 -4.42 21.62 -4.61
C LEU A 245 -5.33 22.80 -4.89
N SER A 246 -6.15 23.21 -3.93
CA SER A 246 -7.06 24.32 -4.15
C SER A 246 -6.30 25.63 -4.30
N LEU A 247 -5.34 25.90 -3.43
CA LEU A 247 -4.59 27.15 -3.44
C LEU A 247 -3.82 27.33 -4.75
N ILE A 251 2.26 27.58 -4.52
CA ILE A 251 2.51 26.15 -4.46
C ILE A 251 3.53 25.85 -3.37
N ILE A 252 3.24 26.31 -2.16
CA ILE A 252 4.11 26.04 -1.01
C ILE A 252 3.95 24.57 -0.61
N LEU A 253 5.06 23.86 -0.55
CA LEU A 253 5.08 22.47 -0.11
C LEU A 253 5.82 22.41 1.22
N GLN A 254 5.18 21.81 2.23
CA GLN A 254 5.78 21.66 3.54
C GLN A 254 6.07 20.18 3.76
N PHE A 255 7.32 19.86 4.07
CA PHE A 255 7.76 18.47 4.20
C PHE A 255 7.33 17.93 5.56
N ILE A 256 6.49 16.90 5.55
CA ILE A 256 6.07 16.21 6.76
C ILE A 256 6.90 14.94 6.89
N GLU A 257 7.45 14.71 8.08
CA GLU A 257 8.42 13.64 8.30
C GLU A 257 7.95 12.71 9.41
N ILE A 258 8.34 11.43 9.28
CA ILE A 258 7.95 10.43 10.27
C ILE A 258 8.55 10.78 11.63
N ALA A 259 7.86 10.37 12.68
CA ALA A 259 8.24 10.72 14.04
C ALA A 259 9.42 9.87 14.49
N ASP A 260 9.77 9.96 15.78
CA ASP A 260 10.98 9.35 16.30
C ASP A 260 10.88 7.84 16.44
N ASN A 261 9.67 7.28 16.56
CA ASN A 261 9.54 5.86 16.80
C ASN A 261 10.00 5.06 15.59
N ARG A 262 10.77 4.00 15.86
CA ARG A 262 11.38 3.18 14.82
C ARG A 262 12.16 4.05 13.84
N LEU A 263 12.99 4.91 14.39
CA LEU A 263 13.74 5.87 13.58
C LEU A 263 14.72 5.15 12.67
N THR A 264 14.52 5.29 11.36
CA THR A 264 15.30 4.56 10.37
C THR A 264 15.61 5.45 9.18
N ILE A 265 16.47 4.92 8.30
CA ILE A 265 16.88 5.63 7.08
C ILE A 265 15.66 6.01 6.26
N GLY A 266 15.72 7.19 5.66
CA GLY A 266 14.74 7.52 4.63
C GLY A 266 14.94 6.63 3.43
N SER A 267 14.05 5.65 3.29
CA SER A 267 14.02 4.75 2.15
C SER A 267 12.77 5.08 1.35
N PRO A 268 12.64 4.55 0.13
CA PRO A 268 11.40 4.78 -0.61
C PRO A 268 10.19 4.40 0.22
N SER A 269 9.10 5.16 0.08
CA SER A 269 7.97 5.02 0.99
C SER A 269 6.66 5.05 0.22
N LYS A 270 5.75 4.15 0.58
CA LYS A 270 4.43 4.08 -0.03
C LYS A 270 3.39 4.34 1.04
N ILE A 271 2.91 5.58 1.10
CA ILE A 271 1.71 5.92 1.88
C ILE A 271 0.50 5.60 1.02
N TYR A 272 -0.40 4.77 1.54
CA TYR A 272 -1.56 4.32 0.79
C TYR A 272 -2.75 4.17 1.72
N ASN A 273 -3.95 4.27 1.14
CA ASN A 273 -5.19 4.18 1.89
C ASN A 273 -5.79 2.80 1.70
N SER A 274 -5.83 2.00 2.77
CA SER A 274 -6.50 0.72 2.80
C SER A 274 -7.55 0.74 3.90
N LEU A 275 -8.75 0.24 3.59
CA LEU A 275 -9.90 0.38 4.47
C LEU A 275 -10.14 1.85 4.82
N GLY A 276 -10.01 2.71 3.83
CA GLY A 276 -10.28 4.12 4.03
C GLY A 276 -9.39 4.80 5.03
N GLN A 277 -8.23 4.23 5.34
CA GLN A 277 -7.29 4.82 6.28
C GLN A 277 -5.87 4.74 5.71
N PRO A 278 -5.04 5.73 6.00
CA PRO A 278 -3.67 5.71 5.47
C PRO A 278 -2.82 4.64 6.14
N VAL A 279 -2.07 3.92 5.32
CA VAL A 279 -1.11 2.91 5.79
C VAL A 279 0.23 3.22 5.14
N PHE A 280 1.30 3.18 5.94
CA PHE A 280 2.61 3.61 5.51
C PHE A 280 3.59 2.44 5.52
N TYR A 281 4.42 2.36 4.48
CA TYR A 281 5.49 1.39 4.41
C TYR A 281 6.82 2.13 4.31
N GLN A 282 7.87 1.52 4.84
CA GLN A 282 9.24 2.02 4.71
C GLN A 282 10.18 0.86 4.53
N ALA A 283 11.04 0.94 3.51
CA ALA A 283 11.97 -0.14 3.23
C ALA A 283 13.03 -0.24 4.31
N SER A 284 13.51 -1.46 4.56
CA SER A 284 14.42 -1.73 5.67
C SER A 284 15.87 -1.57 5.21
N TYR A 285 16.21 -0.33 4.88
CA TYR A 285 17.57 -0.02 4.43
C TYR A 285 18.54 0.00 5.61
N SER A 286 18.10 0.49 6.76
CA SER A 286 18.94 0.60 7.93
C SER A 286 19.01 -0.73 8.67
N TRP A 287 19.52 -0.66 9.90
CA TRP A 287 19.59 -1.82 10.80
C TRP A 287 18.39 -2.78 10.88
N ASP A 288 17.20 -2.36 11.28
CA ASP A 288 16.09 -3.33 11.26
C ASP A 288 15.82 -3.83 9.86
N THR A 289 16.21 -5.07 9.62
CA THR A 289 15.91 -5.76 8.38
C THR A 289 14.45 -6.19 8.31
N MET A 290 13.72 -6.08 9.42
CA MET A 290 12.37 -6.61 9.46
C MET A 290 11.39 -5.60 8.88
N ILE A 291 10.34 -6.10 8.23
CA ILE A 291 9.41 -5.22 7.54
C ILE A 291 8.67 -4.36 8.55
N LYS A 292 8.70 -3.06 8.34
CA LYS A 292 8.00 -2.09 9.19
C LYS A 292 6.80 -1.56 8.44
N LEU A 293 5.62 -1.69 9.04
CA LEU A 293 4.37 -1.36 8.39
C LEU A 293 3.35 -0.99 9.45
N GLY A 294 2.32 -0.28 9.05
CA GLY A 294 1.23 0.03 9.96
C GLY A 294 0.41 1.20 9.49
N ASP A 295 -0.75 1.36 10.14
CA ASP A 295 -1.64 2.46 9.83
C ASP A 295 -1.05 3.78 10.35
N VAL A 296 -1.58 4.87 9.81
CA VAL A 296 -1.12 6.22 10.16
C VAL A 296 -2.21 6.89 10.98
N ASP A 297 -1.87 7.21 12.24
CA ASP A 297 -2.83 7.88 13.12
C ASP A 297 -3.15 9.27 12.59
N THR A 298 -2.12 10.07 12.31
CA THR A 298 -2.28 11.40 11.75
C THR A 298 -1.33 11.56 10.58
N VAL A 299 -1.76 12.33 9.59
CA VAL A 299 -1.01 12.50 8.34
C VAL A 299 -0.35 13.88 8.29
N ASP A 300 -1.10 14.94 8.59
CA ASP A 300 -0.50 16.28 8.60
C ASP A 300 0.63 16.39 9.61
N PRO A 301 0.47 15.96 10.87
CA PRO A 301 1.65 15.54 11.64
C PRO A 301 1.82 14.05 11.49
N LEU A 302 3.04 13.56 11.30
CA LEU A 302 3.26 12.18 10.86
C LEU A 302 3.54 11.28 12.05
N ARG A 303 2.76 10.21 12.17
CA ARG A 303 2.96 9.17 13.17
C ARG A 303 2.33 7.89 12.65
N VAL A 304 3.13 6.83 12.54
CA VAL A 304 2.68 5.55 12.03
C VAL A 304 2.87 4.50 13.10
N GLN A 305 1.80 3.79 13.44
CA GLN A 305 1.88 2.69 14.41
C GLN A 305 2.48 1.47 13.71
N TRP A 306 3.75 1.20 13.96
CA TRP A 306 4.45 0.15 13.23
C TRP A 306 3.98 -1.23 13.67
N ARG A 307 3.60 -2.06 12.70
CA ARG A 307 3.23 -3.44 12.98
C ARG A 307 4.39 -4.20 13.59
N ASN A 308 4.07 -4.99 14.61
CA ASN A 308 5.06 -5.62 15.45
C ASN A 308 5.44 -6.96 14.82
N ASN A 309 5.79 -6.86 13.53
CA ASN A 309 5.92 -8.01 12.64
C ASN A 309 7.25 -8.69 12.90
N SER A 310 7.23 -9.72 13.73
CA SER A 310 8.45 -10.38 14.17
C SER A 310 8.74 -11.65 13.37
N VAL A 311 8.46 -11.62 12.06
CA VAL A 311 8.59 -12.80 11.21
C VAL A 311 9.45 -12.52 9.99
N ILE A 312 9.10 -11.51 9.20
CA ILE A 312 9.62 -11.33 7.84
C ILE A 312 10.66 -10.22 7.82
N SER A 313 11.69 -10.40 6.99
CA SER A 313 12.81 -9.47 6.89
C SER A 313 13.18 -9.30 5.41
N ARG A 314 14.33 -8.67 5.17
CA ARG A 314 14.86 -8.41 3.84
C ARG A 314 16.31 -8.87 3.78
N PRO A 315 16.82 -9.16 2.58
CA PRO A 315 18.25 -9.46 2.44
C PRO A 315 19.11 -8.23 2.74
N GLY A 316 20.31 -8.50 3.26
CA GLY A 316 21.26 -7.45 3.56
C GLY A 316 22.67 -7.99 3.60
N GLN A 317 23.63 -7.07 3.55
CA GLN A 317 25.04 -7.42 3.48
C GLN A 317 25.48 -8.10 4.77
N SER A 318 26.77 -8.45 4.80
CA SER A 318 27.30 -9.24 5.91
C SER A 318 27.14 -8.54 7.25
N GLN A 319 27.07 -7.21 7.25
CA GLN A 319 27.10 -6.50 8.51
C GLN A 319 25.70 -6.36 9.10
N CYS A 320 24.69 -6.21 8.24
CA CYS A 320 23.27 -6.37 8.61
C CYS A 320 22.60 -7.32 7.63
N PRO A 321 22.71 -8.64 7.85
CA PRO A 321 22.00 -9.59 6.97
C PRO A 321 20.55 -9.76 7.37
N ARG A 322 19.85 -10.69 6.72
CA ARG A 322 18.44 -10.91 7.02
C ARG A 322 18.25 -11.39 8.45
N PHE A 323 17.11 -11.04 9.04
CA PHE A 323 16.73 -11.35 10.41
C PHE A 323 17.61 -10.69 11.46
N ASN A 324 18.36 -9.65 11.10
CA ASN A 324 19.20 -8.99 12.07
C ASN A 324 18.37 -8.08 12.96
N VAL A 325 18.69 -8.08 14.26
CA VAL A 325 18.06 -7.18 15.23
C VAL A 325 19.10 -6.44 16.06
N CYS A 326 20.32 -6.29 15.54
CA CYS A 326 21.40 -5.67 16.31
C CYS A 326 21.77 -4.33 15.72
N PRO A 327 22.02 -3.29 16.55
CA PRO A 327 22.40 -1.99 16.00
C PRO A 327 23.79 -1.97 15.40
N GLU A 328 23.83 -1.88 14.08
CA GLU A 328 25.08 -1.92 13.32
C GLU A 328 25.01 -0.92 12.18
N VAL A 329 26.18 -0.44 11.77
CA VAL A 329 26.30 0.58 10.73
C VAL A 329 26.22 -0.13 9.38
N CYS A 330 25.07 -0.04 8.73
CA CYS A 330 24.85 -0.70 7.46
C CYS A 330 23.98 0.16 6.55
N TRP A 331 24.33 0.18 5.26
CA TRP A 331 23.55 0.86 4.23
C TRP A 331 23.32 -0.12 3.08
N GLU A 332 22.29 -0.96 3.23
CA GLU A 332 21.92 -1.91 2.18
C GLU A 332 20.53 -2.42 2.47
N GLY A 333 19.82 -2.79 1.42
CA GLY A 333 18.48 -3.33 1.57
C GLY A 333 17.76 -3.31 0.24
N THR A 334 16.59 -3.94 0.24
CA THR A 334 15.74 -3.98 -0.94
C THR A 334 14.34 -3.50 -0.57
N TYR A 335 13.61 -3.03 -1.58
CA TYR A 335 12.24 -2.57 -1.39
C TYR A 335 11.29 -3.76 -1.40
N ASN A 336 10.69 -4.05 -0.26
CA ASN A 336 9.74 -5.15 -0.09
C ASN A 336 8.56 -4.62 0.71
N ASP A 337 7.59 -4.02 0.03
CA ASP A 337 6.45 -3.42 0.71
C ASP A 337 5.31 -4.42 0.86
N ALA A 338 4.28 -4.00 1.59
CA ALA A 338 3.12 -4.84 1.84
C ALA A 338 1.89 -3.97 2.04
N PHE A 339 0.72 -4.60 1.93
CA PHE A 339 -0.58 -3.96 2.07
C PHE A 339 -1.28 -4.46 3.32
N LEU A 340 -2.54 -4.09 3.47
CA LEU A 340 -3.37 -4.53 4.60
C LEU A 340 -4.63 -5.19 4.05
N ILE A 341 -4.70 -6.52 4.12
CA ILE A 341 -5.87 -7.23 3.65
C ILE A 341 -7.06 -6.98 4.60
N ASP A 342 -6.82 -6.98 5.90
CA ASP A 342 -7.89 -6.85 6.88
C ASP A 342 -7.35 -6.14 8.11
N ARG A 343 -8.27 -5.56 8.89
CA ARG A 343 -7.90 -4.77 10.06
C ARG A 343 -7.88 -5.61 11.34
N LEU A 344 -9.00 -6.27 11.64
CA LEU A 344 -9.10 -7.01 12.90
C LEU A 344 -8.09 -8.16 12.95
N ASN A 345 -7.92 -8.88 11.84
CA ASN A 345 -6.86 -9.89 11.78
C ASN A 345 -5.50 -9.28 11.49
N TRP A 346 -5.47 -8.03 11.00
CA TRP A 346 -4.24 -7.33 10.64
C TRP A 346 -3.39 -8.13 9.67
N VAL A 347 -4.04 -8.90 8.79
CA VAL A 347 -3.33 -9.73 7.85
C VAL A 347 -2.80 -8.87 6.71
N SER A 348 -1.51 -8.99 6.43
CA SER A 348 -0.81 -8.12 5.47
C SER A 348 -0.25 -8.96 4.33
N ALA A 349 -0.47 -8.50 3.11
CA ALA A 349 0.01 -9.18 1.91
C ALA A 349 1.21 -8.43 1.35
N GLY A 350 2.31 -9.14 1.13
CA GLY A 350 3.51 -8.52 0.60
C GLY A 350 4.47 -9.56 0.08
N VAL A 351 5.58 -9.06 -0.46
CA VAL A 351 6.63 -9.89 -1.02
C VAL A 351 7.92 -9.62 -0.26
N TYR A 352 8.60 -10.68 0.16
CA TYR A 352 9.90 -10.58 0.79
C TYR A 352 10.82 -11.64 0.22
N LEU A 353 12.08 -11.28 0.02
CA LEU A 353 13.04 -12.16 -0.63
C LEU A 353 13.60 -13.17 0.36
N ASN A 354 13.78 -14.41 -0.09
CA ASN A 354 14.24 -15.49 0.77
C ASN A 354 15.73 -15.73 0.55
N SER A 355 16.53 -14.89 1.20
CA SER A 355 17.97 -15.04 1.22
C SER A 355 18.55 -14.06 2.23
N ASN A 356 19.60 -14.48 2.94
CA ASN A 356 20.16 -13.64 3.98
C ASN A 356 20.91 -12.45 3.40
N GLN A 357 21.75 -12.68 2.38
CA GLN A 357 22.62 -11.63 1.87
C GLN A 357 22.59 -11.52 0.35
N THR A 358 21.58 -12.07 -0.31
CA THR A 358 21.47 -11.95 -1.75
C THR A 358 20.02 -11.62 -2.12
N ALA A 359 19.87 -10.90 -3.23
CA ALA A 359 18.55 -10.55 -3.73
C ALA A 359 18.03 -11.69 -4.62
N GLU A 360 17.66 -12.78 -3.95
CA GLU A 360 17.13 -13.95 -4.65
C GLU A 360 15.95 -14.52 -3.86
N ASN A 361 15.14 -15.31 -4.57
CA ASN A 361 13.97 -16.00 -4.03
C ASN A 361 12.93 -15.06 -3.43
N PRO A 362 12.22 -14.28 -4.24
CA PRO A 362 11.06 -13.55 -3.72
C PRO A 362 9.85 -14.46 -3.64
N VAL A 363 9.03 -14.23 -2.61
CA VAL A 363 7.81 -15.00 -2.40
C VAL A 363 6.69 -14.04 -2.01
N PHE A 364 5.51 -14.24 -2.59
CA PHE A 364 4.34 -13.50 -2.17
C PHE A 364 3.85 -14.06 -0.84
N ALA A 365 3.83 -13.22 0.20
CA ALA A 365 3.54 -13.65 1.56
C ALA A 365 2.31 -12.93 2.06
N VAL A 366 1.33 -13.71 2.53
CA VAL A 366 0.18 -13.19 3.25
C VAL A 366 0.38 -13.59 4.70
N PHE A 367 0.62 -12.62 5.57
CA PHE A 367 1.18 -12.90 6.88
C PHE A 367 0.46 -12.07 7.93
N LYS A 368 0.98 -12.15 9.16
CA LYS A 368 0.42 -11.45 10.31
C LYS A 368 1.58 -10.92 11.14
N ASP A 369 1.27 -10.51 12.37
CA ASP A 369 2.30 -9.97 13.25
C ASP A 369 3.35 -11.03 13.59
N ASN A 370 2.90 -12.20 14.06
CA ASN A 370 3.82 -13.24 14.52
C ASN A 370 3.53 -14.57 13.83
N GLU A 371 3.11 -14.52 12.56
CA GLU A 371 2.72 -15.73 11.85
C GLU A 371 2.67 -15.42 10.37
N ILE A 372 2.77 -16.48 9.56
CA ILE A 372 2.51 -16.41 8.13
C ILE A 372 1.37 -17.35 7.80
N LEU A 373 0.37 -16.83 7.09
CA LEU A 373 -0.76 -17.66 6.70
C LEU A 373 -0.38 -18.64 5.61
N TYR A 374 0.11 -18.13 4.49
CA TYR A 374 0.45 -18.97 3.35
C TYR A 374 1.28 -18.16 2.37
N GLN A 375 2.17 -18.86 1.66
CA GLN A 375 3.09 -18.23 0.72
C GLN A 375 3.11 -19.03 -0.57
N VAL A 376 3.64 -18.40 -1.62
CA VAL A 376 3.87 -19.06 -2.89
C VAL A 376 5.19 -18.59 -3.48
N PRO A 377 6.04 -19.49 -3.96
CA PRO A 377 7.28 -19.06 -4.63
C PRO A 377 6.95 -18.37 -5.96
N LEU A 378 7.32 -17.10 -6.05
CA LEU A 378 7.10 -16.37 -7.30
C LEU A 378 7.92 -16.95 -8.44
N ALA A 379 9.16 -17.34 -8.15
CA ALA A 379 10.05 -17.90 -9.16
C ALA A 379 10.99 -18.88 -8.47
N GLU A 380 12.08 -19.23 -9.14
CA GLU A 380 13.07 -20.13 -8.57
C GLU A 380 13.75 -19.48 -7.37
N ASP A 381 14.40 -20.33 -6.56
CA ASP A 381 15.15 -19.82 -5.42
C ASP A 381 16.30 -18.93 -5.89
N ASP A 382 16.97 -19.31 -6.98
CA ASP A 382 18.10 -18.54 -7.50
C ASP A 382 17.67 -17.33 -8.30
N THR A 383 16.39 -17.14 -8.56
CA THR A 383 15.92 -16.00 -9.35
C THR A 383 16.26 -14.70 -8.65
N ASN A 384 16.83 -13.76 -9.40
CA ASN A 384 17.27 -12.48 -8.85
C ASN A 384 16.15 -11.46 -8.93
N ALA A 385 15.88 -10.79 -7.80
CA ALA A 385 14.85 -9.76 -7.75
C ALA A 385 15.13 -8.87 -6.54
N GLN A 386 15.14 -7.56 -6.76
CA GLN A 386 15.45 -6.69 -5.65
C GLN A 386 14.38 -5.65 -5.36
N LYS A 387 13.82 -5.02 -6.38
CA LYS A 387 12.78 -4.03 -6.17
C LYS A 387 11.42 -4.69 -6.36
N THR A 388 10.61 -4.68 -5.30
CA THR A 388 9.33 -5.36 -5.28
C THR A 388 8.29 -4.37 -4.78
N ILE A 389 7.36 -3.98 -5.66
CA ILE A 389 6.27 -3.08 -5.31
C ILE A 389 4.98 -3.90 -5.34
N THR A 390 4.16 -3.74 -4.31
CA THR A 390 2.93 -4.50 -4.15
C THR A 390 1.78 -3.53 -3.85
N ASP A 391 0.66 -3.73 -4.52
CA ASP A 391 -0.53 -2.91 -4.29
C ASP A 391 -1.73 -3.84 -4.26
N CYS A 392 -2.62 -3.63 -3.29
CA CYS A 392 -3.80 -4.47 -3.12
C CYS A 392 -5.05 -3.63 -3.29
N PHE A 393 -5.90 -4.02 -4.23
CA PHE A 393 -7.16 -3.33 -4.52
C PHE A 393 -8.28 -4.35 -4.47
N LEU A 394 -9.49 -3.86 -4.26
CA LEU A 394 -10.67 -4.70 -4.12
C LEU A 394 -11.50 -4.64 -5.39
N LEU A 395 -11.84 -5.80 -5.93
CA LEU A 395 -12.65 -5.90 -7.15
C LEU A 395 -13.82 -6.83 -6.89
N GLU A 396 -14.97 -6.26 -6.54
CA GLU A 396 -16.23 -6.99 -6.37
C GLU A 396 -16.10 -8.08 -5.29
N ASN A 397 -15.91 -7.59 -4.07
CA ASN A 397 -15.99 -8.35 -2.81
C ASN A 397 -14.83 -9.33 -2.60
N VAL A 398 -13.92 -9.47 -3.55
CA VAL A 398 -12.73 -10.31 -3.38
C VAL A 398 -11.51 -9.42 -3.35
N ILE A 399 -10.69 -9.58 -2.32
CA ILE A 399 -9.51 -8.72 -2.13
C ILE A 399 -8.41 -9.20 -3.05
N TRP A 400 -7.95 -8.32 -3.93
CA TRP A 400 -6.90 -8.62 -4.89
C TRP A 400 -5.62 -7.88 -4.52
N CYS A 401 -4.53 -8.25 -5.19
CA CYS A 401 -3.23 -7.64 -4.97
C CYS A 401 -2.43 -7.71 -6.25
N ILE A 402 -1.85 -6.58 -6.66
CA ILE A 402 -1.01 -6.50 -7.85
C ILE A 402 0.39 -6.09 -7.40
N SER A 403 1.40 -6.83 -7.86
CA SER A 403 2.78 -6.59 -7.49
C SER A 403 3.67 -6.56 -8.72
N LEU A 404 4.59 -5.60 -8.75
CA LEU A 404 5.53 -5.43 -9.85
C LEU A 404 6.94 -5.71 -9.34
N VAL A 405 7.63 -6.64 -10.00
CA VAL A 405 8.89 -7.19 -9.49
C VAL A 405 9.84 -7.41 -10.66
N GLU A 406 11.14 -7.19 -10.42
CA GLU A 406 12.19 -7.48 -11.41
C GLU A 406 12.65 -8.93 -11.25
N ILE A 407 11.90 -9.83 -11.89
CA ILE A 407 12.34 -11.23 -11.97
C ILE A 407 13.49 -11.31 -12.96
N TYR A 408 14.59 -11.92 -12.54
CA TYR A 408 15.80 -11.99 -13.36
C TYR A 408 16.40 -13.40 -13.29
N ASP A 409 17.00 -13.83 -14.39
CA ASP A 409 17.69 -15.11 -14.45
C ASP A 409 19.03 -15.04 -13.73
N VAL A 414 17.47 -8.95 -21.27
CA VAL A 414 16.71 -7.76 -20.96
C VAL A 414 16.21 -7.80 -19.52
N ILE A 415 16.46 -6.71 -18.79
CA ILE A 415 16.02 -6.56 -17.41
C ILE A 415 14.92 -5.52 -17.38
N ARG A 416 13.74 -5.90 -16.91
CA ARG A 416 12.60 -5.02 -16.84
C ARG A 416 11.68 -5.51 -15.73
N PRO A 417 11.27 -4.66 -14.80
CA PRO A 417 10.25 -5.07 -13.82
C PRO A 417 8.97 -5.45 -14.54
N LYS A 418 8.35 -6.53 -14.08
CA LYS A 418 7.05 -6.95 -14.59
C LYS A 418 6.09 -7.13 -13.43
N LEU A 419 4.81 -6.93 -13.71
CA LEU A 419 3.78 -6.96 -12.69
C LEU A 419 2.88 -8.17 -12.87
N PHE A 420 2.48 -8.78 -11.76
CA PHE A 420 1.55 -9.89 -11.76
C PHE A 420 0.61 -9.77 -10.57
N ALA A 421 -0.62 -10.25 -10.74
CA ALA A 421 -1.66 -10.12 -9.75
C ALA A 421 -1.91 -11.45 -9.06
N VAL A 422 -2.36 -11.38 -7.81
CA VAL A 422 -2.60 -12.56 -6.98
C VAL A 422 -3.95 -12.39 -6.29
N LYS A 423 -4.76 -13.44 -6.32
CA LYS A 423 -6.04 -13.44 -5.61
C LYS A 423 -5.85 -13.94 -4.18
N ILE A 424 -6.35 -13.19 -3.22
CA ILE A 424 -6.21 -13.53 -1.80
C ILE A 424 -7.35 -14.45 -1.42
N PRO A 425 -7.08 -15.64 -0.89
CA PRO A 425 -8.15 -16.57 -0.56
C PRO A 425 -8.81 -16.25 0.77
N ALA A 426 -10.13 -16.35 0.79
CA ALA A 426 -10.93 -16.07 1.98
C ALA A 426 -11.29 -17.34 2.76
N GLN A 427 -10.78 -18.49 2.34
CA GLN A 427 -11.04 -19.75 3.03
C GLN A 427 -9.71 -20.36 3.46
N CYS A 428 -9.61 -20.69 4.75
CA CYS A 428 -8.42 -21.34 5.27
C CYS A 428 -8.31 -22.79 4.84
N SER A 429 -9.35 -23.35 4.23
CA SER A 429 -9.31 -24.72 3.74
C SER A 429 -8.43 -24.82 2.51
N SER B 1 27.52 -21.34 -11.55
CA SER B 1 26.10 -21.65 -11.39
C SER B 1 25.85 -22.37 -10.07
N ILE B 2 26.93 -22.69 -9.37
CA ILE B 2 26.87 -23.40 -8.09
C ILE B 2 27.69 -22.63 -7.06
N VAL B 3 27.35 -22.83 -5.80
CA VAL B 3 28.03 -22.15 -4.70
C VAL B 3 29.47 -22.66 -4.66
N LEU B 4 30.41 -21.74 -4.86
CA LEU B 4 31.82 -22.12 -4.84
C LEU B 4 32.27 -22.42 -3.41
N GLU B 5 33.43 -23.05 -3.31
CA GLU B 5 33.97 -23.40 -2.00
C GLU B 5 34.21 -22.13 -1.18
N PRO B 6 33.73 -22.07 0.05
CA PRO B 6 33.90 -20.84 0.83
C PRO B 6 35.34 -20.64 1.28
N ILE B 7 35.77 -19.39 1.25
CA ILE B 7 37.15 -19.03 1.59
C ILE B 7 37.15 -18.46 3.00
N TYR B 8 37.75 -19.21 3.93
CA TYR B 8 37.82 -18.77 5.32
C TYR B 8 38.84 -17.65 5.47
N TRP B 9 38.55 -16.71 6.37
CA TRP B 9 39.50 -15.63 6.66
C TRP B 9 40.38 -16.00 7.85
N ASN B 10 41.07 -17.12 7.69
CA ASN B 10 42.01 -17.61 8.69
C ASN B 10 43.41 -17.68 8.08
N SER B 11 44.41 -17.26 8.86
CA SER B 11 45.79 -17.30 8.37
C SER B 11 46.25 -18.73 8.11
N SER B 12 45.63 -19.71 8.78
CA SER B 12 46.02 -21.10 8.59
C SER B 12 45.64 -21.65 7.22
N ASN B 13 44.85 -20.92 6.45
CA ASN B 13 44.44 -21.41 5.14
C ASN B 13 45.64 -21.49 4.21
N SER B 14 45.78 -22.62 3.52
CA SER B 14 46.89 -22.88 2.62
C SER B 14 46.57 -22.57 1.16
N LYS B 15 45.32 -22.24 0.85
CA LYS B 15 44.97 -21.90 -0.53
C LYS B 15 45.47 -20.54 -0.94
N PHE B 16 45.96 -19.74 0.00
CA PHE B 16 46.51 -18.42 -0.30
C PHE B 16 47.99 -18.58 -0.66
N LEU B 17 48.27 -18.70 -1.94
CA LEU B 17 49.64 -18.87 -2.39
C LEU B 17 50.45 -17.60 -2.08
N PRO B 18 51.67 -17.75 -1.59
CA PRO B 18 52.45 -16.57 -1.17
C PRO B 18 52.86 -15.72 -2.38
N GLY B 19 52.84 -14.41 -2.18
CA GLY B 19 53.31 -13.46 -3.18
C GLY B 19 52.32 -13.10 -4.26
N GLN B 20 51.19 -13.82 -4.37
CA GLN B 20 50.23 -13.53 -5.42
C GLN B 20 48.78 -13.62 -4.95
N GLY B 21 48.55 -13.83 -3.64
CA GLY B 21 47.19 -13.99 -3.18
C GLY B 21 46.59 -15.30 -3.65
N LEU B 22 45.26 -15.33 -3.68
CA LEU B 22 44.51 -16.49 -4.15
C LEU B 22 43.64 -16.05 -5.32
N VAL B 23 43.85 -16.66 -6.48
CA VAL B 23 43.05 -16.37 -7.66
C VAL B 23 41.80 -17.23 -7.62
N LEU B 24 40.64 -16.59 -7.76
CA LEU B 24 39.37 -17.28 -7.59
C LEU B 24 38.80 -17.80 -8.90
N TYR B 25 38.90 -17.02 -9.98
CA TYR B 25 38.31 -17.34 -11.26
C TYR B 25 36.83 -17.75 -11.17
N PRO B 26 35.97 -16.87 -10.66
CA PRO B 26 34.53 -17.16 -10.69
C PRO B 26 33.94 -16.84 -12.06
N GLN B 27 32.62 -16.96 -12.15
CA GLN B 27 31.90 -16.72 -13.39
C GLN B 27 30.66 -15.88 -13.08
N ILE B 28 30.18 -15.15 -14.09
CA ILE B 28 29.04 -14.27 -13.89
C ILE B 28 27.81 -15.11 -13.57
N GLY B 29 27.16 -14.79 -12.45
CA GLY B 29 26.06 -15.58 -11.96
C GLY B 29 26.54 -16.71 -11.07
N ASP B 30 27.32 -16.35 -10.05
CA ASP B 30 27.90 -17.33 -9.14
C ASP B 30 27.80 -16.79 -7.72
N LYS B 31 27.84 -17.71 -6.76
CA LYS B 31 27.69 -17.37 -5.35
C LYS B 31 28.97 -17.75 -4.60
N LEU B 32 29.40 -16.88 -3.69
CA LEU B 32 30.64 -17.09 -2.97
C LEU B 32 30.51 -16.53 -1.57
N ASP B 33 31.18 -17.15 -0.61
CA ASP B 33 31.02 -16.83 0.80
C ASP B 33 32.41 -16.73 1.42
N ILE B 34 32.56 -15.80 2.37
CA ILE B 34 33.78 -15.64 3.15
C ILE B 34 33.41 -15.61 4.62
N ILE B 35 34.04 -16.46 5.42
CA ILE B 35 33.72 -16.59 6.83
C ILE B 35 34.86 -16.01 7.65
N CYS B 36 34.51 -15.34 8.75
CA CYS B 36 35.48 -14.79 9.67
C CYS B 36 35.46 -15.59 10.97
N PRO B 37 36.63 -15.98 11.49
CA PRO B 37 36.72 -16.74 12.75
C PRO B 37 36.74 -15.84 13.98
N TYR B 49 39.48 -10.93 13.44
CA TYR B 49 39.81 -9.53 13.71
C TYR B 49 40.38 -8.86 12.47
N TYR B 50 39.59 -8.81 11.40
CA TYR B 50 40.01 -8.22 10.14
C TYR B 50 38.88 -7.40 9.54
N LYS B 51 39.25 -6.36 8.81
CA LYS B 51 38.31 -5.58 8.02
C LYS B 51 38.74 -5.66 6.56
N VAL B 52 37.81 -6.03 5.69
CA VAL B 52 38.10 -6.38 4.31
C VAL B 52 37.36 -5.41 3.39
N TYR B 53 38.06 -4.92 2.36
CA TYR B 53 37.51 -3.97 1.41
C TYR B 53 37.85 -4.41 -0.01
N MET B 54 37.05 -3.94 -0.96
CA MET B 54 37.29 -4.15 -2.38
C MET B 54 37.71 -2.83 -3.01
N VAL B 55 38.82 -2.84 -3.74
CA VAL B 55 39.45 -1.64 -4.28
C VAL B 55 39.83 -1.88 -5.72
N ASP B 56 40.51 -0.90 -6.31
CA ASP B 56 40.90 -0.92 -7.72
C ASP B 56 42.32 -1.46 -7.86
N LYS B 57 42.90 -1.25 -9.05
CA LYS B 57 44.23 -1.79 -9.36
C LYS B 57 45.30 -1.19 -8.45
N ASP B 58 45.46 0.14 -8.50
CA ASP B 58 46.60 0.78 -7.87
C ASP B 58 46.62 0.56 -6.37
N GLN B 59 45.46 0.69 -5.71
CA GLN B 59 45.40 0.46 -4.28
C GLN B 59 45.79 -0.98 -3.96
N ALA B 60 45.32 -1.94 -4.78
CA ALA B 60 45.68 -3.33 -4.57
C ALA B 60 47.19 -3.54 -4.68
N ASP B 61 47.82 -2.88 -5.66
CA ASP B 61 49.27 -2.99 -5.80
C ASP B 61 49.97 -2.41 -4.58
N ARG B 62 49.50 -1.28 -4.07
CA ARG B 62 50.09 -0.70 -2.87
C ARG B 62 49.58 -1.38 -1.60
N CYS B 63 48.26 -1.43 -1.44
CA CYS B 63 47.58 -2.07 -0.31
C CYS B 63 48.25 -1.75 1.03
N THR B 64 48.29 -0.45 1.34
CA THR B 64 48.71 0.04 2.64
C THR B 64 47.75 1.13 3.08
N ILE B 65 47.43 1.15 4.37
CA ILE B 65 46.53 2.15 4.92
C ILE B 65 47.26 3.03 5.91
N THR B 70 32.67 1.52 1.85
CA THR B 70 32.24 0.66 2.95
C THR B 70 32.99 -0.67 2.93
N PRO B 71 33.39 -1.16 4.11
CA PRO B 71 34.09 -2.45 4.18
C PRO B 71 33.19 -3.58 3.70
N LEU B 72 33.81 -4.53 3.00
CA LEU B 72 33.09 -5.71 2.53
C LEU B 72 32.83 -6.70 3.67
N LEU B 73 33.68 -6.69 4.70
CA LEU B 73 33.51 -7.54 5.87
C LEU B 73 33.98 -6.78 7.10
N ASN B 74 33.31 -7.02 8.22
CA ASN B 74 33.68 -6.42 9.51
C ASN B 74 33.67 -7.54 10.54
N CYS B 75 34.85 -7.89 11.05
CA CYS B 75 34.98 -9.03 11.94
C CYS B 75 35.63 -8.63 13.26
N GLN B 80 28.67 -15.15 16.18
CA GLN B 80 30.08 -15.52 16.07
C GLN B 80 30.41 -15.99 14.66
N ASP B 81 29.38 -16.12 13.84
CA ASP B 81 29.52 -16.54 12.45
C ASP B 81 29.24 -15.34 11.56
N ILE B 82 30.29 -14.76 10.99
CA ILE B 82 30.17 -13.61 10.09
C ILE B 82 30.52 -14.11 8.69
N LYS B 83 29.53 -14.10 7.80
CA LYS B 83 29.70 -14.56 6.44
C LYS B 83 29.32 -13.44 5.47
N PHE B 84 30.12 -13.28 4.42
CA PHE B 84 29.82 -12.33 3.35
C PHE B 84 29.50 -13.13 2.10
N THR B 85 28.22 -13.21 1.76
CA THR B 85 27.80 -13.83 0.52
C THR B 85 27.75 -12.80 -0.59
N ILE B 86 28.30 -13.15 -1.74
CA ILE B 86 28.36 -12.26 -2.89
C ILE B 86 27.86 -13.01 -4.12
N LYS B 87 26.98 -12.38 -4.88
CA LYS B 87 26.49 -12.94 -6.13
C LYS B 87 26.92 -12.03 -7.27
N PHE B 88 27.39 -12.63 -8.35
CA PHE B 88 27.88 -11.88 -9.50
C PHE B 88 26.77 -11.63 -10.53
N GLN B 89 25.65 -11.11 -10.03
CA GLN B 89 24.59 -10.56 -10.85
C GLN B 89 24.24 -9.19 -10.29
N GLU B 90 23.83 -8.28 -11.19
CA GLU B 90 23.72 -6.87 -10.83
C GLU B 90 22.72 -6.65 -9.70
N PHE B 91 21.66 -7.44 -9.64
CA PHE B 91 20.65 -7.26 -8.60
C PHE B 91 21.25 -7.64 -7.26
N SER B 92 21.58 -6.64 -6.46
CA SER B 92 22.29 -6.81 -5.21
C SER B 92 21.62 -5.93 -4.16
N PRO B 93 21.76 -6.26 -2.88
CA PRO B 93 21.28 -5.37 -1.83
C PRO B 93 22.21 -4.21 -1.55
N ASN B 94 23.36 -4.14 -2.21
CA ASN B 94 24.29 -3.04 -2.03
C ASN B 94 23.71 -1.78 -2.66
N LEU B 95 23.28 -0.83 -1.82
CA LEU B 95 22.64 0.38 -2.33
C LEU B 95 23.64 1.28 -3.05
N TRP B 96 24.93 1.17 -2.72
CA TRP B 96 25.94 1.93 -3.44
C TRP B 96 26.05 1.50 -4.89
N GLY B 97 25.48 0.36 -5.24
CA GLY B 97 25.47 -0.09 -6.63
C GLY B 97 26.85 -0.42 -7.17
N LEU B 98 27.65 -1.12 -6.39
CA LEU B 98 28.93 -1.62 -6.88
C LEU B 98 28.69 -2.97 -7.53
N GLU B 99 28.99 -3.06 -8.82
CA GLU B 99 28.67 -4.21 -9.64
C GLU B 99 29.94 -4.98 -9.98
N PHE B 100 29.75 -6.12 -10.64
CA PHE B 100 30.84 -6.97 -11.09
C PHE B 100 30.57 -7.37 -12.53
N GLN B 101 31.35 -6.81 -13.45
CA GLN B 101 31.14 -6.98 -14.88
C GLN B 101 32.06 -8.05 -15.44
N LYS B 102 31.57 -8.77 -16.44
CA LYS B 102 32.34 -9.83 -17.06
C LYS B 102 33.57 -9.26 -17.75
N ASN B 103 34.63 -10.07 -17.80
CA ASN B 103 35.92 -9.74 -18.39
C ASN B 103 36.62 -8.60 -17.67
N LYS B 104 36.10 -8.16 -16.53
CA LYS B 104 36.73 -7.17 -15.68
C LYS B 104 37.41 -7.89 -14.52
N ASP B 105 37.92 -7.11 -13.56
CA ASP B 105 38.64 -7.69 -12.45
C ASP B 105 38.56 -6.74 -11.26
N TYR B 106 38.47 -7.33 -10.07
CA TYR B 106 38.38 -6.57 -8.82
C TYR B 106 39.32 -7.20 -7.81
N TYR B 107 39.68 -6.42 -6.79
CA TYR B 107 40.64 -6.86 -5.78
C TYR B 107 40.03 -6.70 -4.40
N ILE B 108 39.73 -7.82 -3.76
CA ILE B 108 39.31 -7.84 -2.36
C ILE B 108 40.55 -8.08 -1.51
N ILE B 109 40.92 -7.09 -0.70
CA ILE B 109 42.09 -7.19 0.16
C ILE B 109 41.72 -6.70 1.55
N SER B 110 42.56 -7.05 2.51
CA SER B 110 42.45 -6.54 3.88
C SER B 110 43.81 -6.10 4.35
N THR B 111 43.85 -4.94 4.99
CA THR B 111 45.08 -4.37 5.54
C THR B 111 45.06 -4.39 7.06
N SER B 112 44.51 -5.44 7.64
CA SER B 112 44.33 -5.55 9.08
C SER B 112 45.26 -6.62 9.64
N ASN B 113 46.12 -6.21 10.58
CA ASN B 113 46.91 -7.16 11.34
C ASN B 113 46.06 -7.71 12.49
N GLY B 114 46.70 -8.33 13.48
CA GLY B 114 45.96 -8.94 14.57
C GLY B 114 44.99 -8.00 15.25
N SER B 115 45.37 -6.73 15.38
CA SER B 115 44.50 -5.73 15.97
C SER B 115 44.78 -4.34 15.40
N VAL B 126 49.82 -6.35 5.79
CA VAL B 126 49.17 -7.64 5.94
C VAL B 126 48.75 -8.15 4.57
N CYS B 127 48.54 -7.21 3.65
CA CYS B 127 48.31 -7.56 2.26
C CYS B 127 49.52 -8.28 1.67
N GLN B 128 50.73 -7.77 1.95
CA GLN B 128 51.96 -8.36 1.45
C GLN B 128 52.59 -9.34 2.43
N THR B 129 52.18 -9.34 3.69
CA THR B 129 52.80 -10.23 4.68
C THR B 129 52.47 -11.68 4.38
N ARG B 130 51.23 -11.98 4.00
CA ARG B 130 50.80 -13.36 3.79
C ARG B 130 50.00 -13.47 2.48
N ALA B 131 50.21 -12.53 1.57
CA ALA B 131 49.47 -12.49 0.30
C ALA B 131 47.96 -12.50 0.55
N MET B 132 47.52 -11.60 1.42
CA MET B 132 46.11 -11.50 1.80
C MET B 132 45.32 -10.80 0.69
N LYS B 133 45.29 -11.45 -0.47
CA LYS B 133 44.74 -10.86 -1.68
C LYS B 133 43.70 -11.79 -2.29
N ILE B 134 42.69 -11.19 -2.92
CA ILE B 134 41.69 -11.91 -3.71
C ILE B 134 41.59 -11.25 -5.07
N LEU B 135 41.72 -12.04 -6.12
CA LEU B 135 41.61 -11.57 -7.49
C LEU B 135 40.26 -11.98 -8.05
N MET B 136 39.42 -10.98 -8.36
CA MET B 136 38.02 -11.22 -8.72
C MET B 136 37.90 -11.38 -10.24
N LYS B 137 38.66 -12.33 -10.78
CA LYS B 137 38.69 -12.56 -12.22
C LYS B 137 37.41 -13.28 -12.60
N VAL B 138 36.40 -12.51 -13.02
CA VAL B 138 35.13 -13.08 -13.43
C VAL B 138 35.02 -13.09 -14.94
N GLN C 1 -34.33 -13.08 -9.77
CA GLN C 1 -35.13 -12.59 -8.65
C GLN C 1 -34.46 -12.90 -7.32
N VAL C 2 -33.95 -11.86 -6.67
CA VAL C 2 -33.29 -11.97 -5.38
C VAL C 2 -33.97 -11.02 -4.40
N GLN C 3 -34.31 -11.53 -3.22
CA GLN C 3 -35.05 -10.73 -2.26
C GLN C 3 -34.88 -11.33 -0.88
N LEU C 4 -34.99 -10.47 0.13
CA LEU C 4 -35.02 -10.88 1.52
C LEU C 4 -36.43 -10.66 2.07
N VAL C 5 -37.12 -11.74 2.41
CA VAL C 5 -38.49 -11.68 2.89
C VAL C 5 -38.52 -12.05 4.37
N GLN C 6 -39.35 -11.35 5.12
CA GLN C 6 -39.47 -11.51 6.56
C GLN C 6 -40.90 -11.90 6.92
N SER C 7 -41.18 -11.93 8.22
CA SER C 7 -42.50 -12.29 8.71
C SER C 7 -43.45 -11.09 8.62
N GLY C 8 -44.69 -11.30 9.04
CA GLY C 8 -45.69 -10.25 9.02
C GLY C 8 -45.62 -9.35 10.24
N SER C 9 -46.61 -8.48 10.35
CA SER C 9 -46.66 -7.53 11.46
C SER C 9 -46.75 -8.25 12.79
N GLU C 10 -46.02 -7.72 13.77
CA GLU C 10 -46.02 -8.27 15.13
C GLU C 10 -46.34 -7.17 16.12
N LEU C 11 -47.26 -7.48 17.04
CA LEU C 11 -47.65 -6.56 18.11
C LEU C 11 -47.12 -7.13 19.41
N LYS C 12 -46.17 -6.42 20.02
CA LYS C 12 -45.49 -6.91 21.21
C LYS C 12 -45.60 -5.90 22.34
N LYS C 13 -45.97 -6.39 23.52
CA LYS C 13 -46.06 -5.54 24.69
C LYS C 13 -44.66 -5.13 25.15
N PRO C 14 -44.55 -4.04 25.90
CA PRO C 14 -43.24 -3.63 26.42
C PRO C 14 -42.63 -4.71 27.31
N GLY C 15 -41.32 -4.87 27.19
CA GLY C 15 -40.58 -5.85 27.95
C GLY C 15 -40.58 -7.25 27.37
N ALA C 16 -41.27 -7.47 26.25
CA ALA C 16 -41.35 -8.79 25.64
C ALA C 16 -40.24 -8.94 24.60
N SER C 17 -40.31 -10.00 23.80
CA SER C 17 -39.31 -10.26 22.77
C SER C 17 -40.01 -10.80 21.53
N VAL C 18 -39.44 -10.49 20.37
CA VAL C 18 -39.98 -10.90 19.09
C VAL C 18 -38.84 -11.39 18.20
N LYS C 19 -39.09 -12.48 17.48
CA LYS C 19 -38.13 -13.03 16.53
C LYS C 19 -38.54 -12.63 15.12
N VAL C 20 -37.67 -11.88 14.45
CA VAL C 20 -37.92 -11.43 13.09
C VAL C 20 -37.02 -12.22 12.16
N SER C 21 -37.61 -13.06 11.32
CA SER C 21 -36.85 -13.86 10.39
C SER C 21 -36.43 -13.03 9.19
N CYS C 22 -35.41 -13.52 8.48
CA CYS C 22 -34.94 -12.88 7.25
C CYS C 22 -34.54 -14.00 6.27
N LYS C 23 -35.50 -14.41 5.44
CA LYS C 23 -35.24 -15.43 4.44
C LYS C 23 -34.43 -14.85 3.29
N ALA C 24 -33.75 -15.73 2.57
CA ALA C 24 -32.99 -15.37 1.39
C ALA C 24 -33.40 -16.29 0.25
N SER C 25 -33.73 -15.70 -0.89
CA SER C 25 -34.21 -16.47 -2.04
C SER C 25 -33.60 -15.94 -3.32
N GLY C 26 -33.25 -16.85 -4.22
CA GLY C 26 -32.71 -16.49 -5.52
C GLY C 26 -31.23 -16.19 -5.55
N TYR C 27 -30.54 -16.22 -4.42
CA TYR C 27 -29.11 -15.92 -4.38
C TYR C 27 -28.46 -16.72 -3.26
N THR C 28 -27.16 -16.92 -3.39
CA THR C 28 -26.43 -17.72 -2.42
C THR C 28 -26.24 -16.94 -1.13
N PHE C 29 -26.72 -17.51 -0.03
CA PHE C 29 -26.57 -16.86 1.27
C PHE C 29 -25.10 -16.69 1.65
N THR C 30 -24.24 -17.59 1.17
CA THR C 30 -22.85 -17.62 1.62
C THR C 30 -22.08 -16.39 1.16
N SER C 31 -22.31 -15.93 -0.07
CA SER C 31 -21.40 -14.98 -0.69
C SER C 31 -21.44 -13.61 -0.02
N TYR C 32 -22.64 -13.07 0.18
CA TYR C 32 -22.80 -11.68 0.61
C TYR C 32 -23.37 -11.63 2.02
N ALA C 33 -22.77 -10.78 2.85
CA ALA C 33 -23.23 -10.62 4.23
C ALA C 33 -24.54 -9.86 4.28
N VAL C 34 -25.21 -9.95 5.44
CA VAL C 34 -26.53 -9.34 5.63
C VAL C 34 -26.41 -8.18 6.59
N ASN C 35 -27.24 -7.16 6.39
CA ASN C 35 -27.17 -5.92 7.15
C ASN C 35 -28.57 -5.56 7.63
N TRP C 36 -28.64 -4.98 8.83
CA TRP C 36 -29.90 -4.74 9.52
C TRP C 36 -30.18 -3.25 9.58
N VAL C 37 -31.37 -2.85 9.14
CA VAL C 37 -31.77 -1.45 9.10
C VAL C 37 -33.23 -1.35 9.56
N ARG C 38 -33.51 -0.39 10.44
CA ARG C 38 -34.86 -0.09 10.89
C ARG C 38 -35.23 1.32 10.46
N GLN C 39 -36.50 1.52 10.13
CA GLN C 39 -37.03 2.82 9.75
C GLN C 39 -38.11 3.23 10.75
N ALA C 40 -37.79 4.21 11.59
CA ALA C 40 -38.78 4.71 12.52
C ALA C 40 -39.94 5.36 11.76
N PRO C 41 -41.16 5.32 12.30
CA PRO C 41 -42.30 5.85 11.56
C PRO C 41 -42.22 7.37 11.38
N GLY C 42 -42.00 7.81 10.15
CA GLY C 42 -41.84 9.21 9.85
C GLY C 42 -40.42 9.73 9.89
N GLN C 43 -39.43 8.86 9.97
CA GLN C 43 -38.02 9.25 10.02
C GLN C 43 -37.25 8.46 8.96
N GLY C 44 -35.92 8.59 9.00
CA GLY C 44 -35.08 8.04 7.96
C GLY C 44 -34.51 6.67 8.29
N LEU C 45 -33.71 6.18 7.36
CA LEU C 45 -33.08 4.87 7.52
C LEU C 45 -31.98 4.94 8.57
N GLU C 46 -31.82 3.83 9.30
CA GLU C 46 -30.78 3.72 10.31
C GLU C 46 -30.22 2.30 10.29
N TRP C 47 -28.89 2.20 10.29
CA TRP C 47 -28.19 0.93 10.15
C TRP C 47 -28.02 0.31 11.52
N VAL C 48 -28.58 -0.89 11.72
CA VAL C 48 -28.57 -1.51 13.03
C VAL C 48 -27.29 -2.31 13.23
N GLY C 49 -27.01 -3.25 12.32
CA GLY C 49 -25.83 -4.08 12.48
C GLY C 49 -25.56 -4.90 11.25
N TRP C 50 -24.35 -5.46 11.24
CA TRP C 50 -23.83 -6.24 10.11
C TRP C 50 -23.51 -7.65 10.61
N MET C 51 -23.99 -8.65 9.87
CA MET C 51 -23.78 -10.05 10.24
C MET C 51 -23.09 -10.78 9.11
N SER C 52 -22.33 -11.80 9.46
CA SER C 52 -21.53 -12.58 8.52
C SER C 52 -22.19 -13.94 8.31
N THR C 53 -22.49 -14.26 7.05
CA THR C 53 -23.18 -15.51 6.76
C THR C 53 -22.24 -16.71 6.90
N ASN C 54 -21.04 -16.62 6.35
CA ASN C 54 -20.12 -17.76 6.38
C ASN C 54 -19.52 -17.93 7.78
N THR C 55 -18.76 -16.94 8.24
CA THR C 55 -18.08 -17.07 9.53
C THR C 55 -19.08 -17.18 10.67
N GLY C 56 -20.15 -16.39 10.63
CA GLY C 56 -21.05 -16.35 11.75
C GLY C 56 -20.45 -15.77 13.01
N ASP C 57 -19.33 -15.05 12.88
CA ASP C 57 -18.60 -14.49 14.01
C ASP C 57 -19.44 -13.41 14.69
N PRO C 58 -18.95 -12.82 15.79
CA PRO C 58 -19.70 -11.75 16.45
C PRO C 58 -20.09 -10.66 15.47
N ILE C 59 -21.39 -10.53 15.22
CA ILE C 59 -21.88 -9.65 14.17
C ILE C 59 -21.80 -8.20 14.65
N TYR C 60 -21.17 -7.35 13.84
CA TYR C 60 -21.00 -5.96 14.21
C TYR C 60 -22.33 -5.23 14.20
N ALA C 61 -22.44 -4.22 15.07
CA ALA C 61 -23.66 -3.43 15.18
C ALA C 61 -23.29 -2.01 15.56
N GLN C 62 -24.20 -1.08 15.27
CA GLN C 62 -23.96 0.32 15.61
C GLN C 62 -24.01 0.51 17.12
N GLY C 63 -23.43 1.61 17.58
CA GLY C 63 -23.22 1.82 18.99
C GLY C 63 -24.46 1.83 19.85
N PHE C 64 -24.67 0.75 20.61
CA PHE C 64 -25.65 0.69 21.69
C PHE C 64 -25.39 -0.54 22.54
N THR C 65 -26.32 -0.87 23.44
CA THR C 65 -26.15 -1.99 24.36
C THR C 65 -26.36 -3.31 23.62
N GLY C 66 -26.43 -4.41 24.39
CA GLY C 66 -26.54 -5.73 23.81
C GLY C 66 -27.96 -6.25 23.71
N ARG C 67 -28.92 -5.33 23.62
CA ARG C 67 -30.33 -5.74 23.53
C ARG C 67 -30.58 -6.55 22.26
N PHE C 68 -29.99 -6.13 21.14
CA PHE C 68 -30.15 -6.83 19.87
C PHE C 68 -29.15 -7.96 19.79
N VAL C 69 -29.60 -9.11 19.29
CA VAL C 69 -28.77 -10.31 19.19
C VAL C 69 -28.96 -10.91 17.81
N PHE C 70 -27.85 -11.28 17.17
CA PHE C 70 -27.86 -11.83 15.83
C PHE C 70 -27.45 -13.29 15.85
N SER C 71 -28.07 -14.09 14.98
CA SER C 71 -27.76 -15.49 14.83
C SER C 71 -28.32 -15.96 13.50
N LEU C 72 -27.89 -17.16 13.09
CA LEU C 72 -28.35 -17.70 11.82
C LEU C 72 -28.22 -19.22 11.84
N ASP C 73 -29.02 -19.86 10.99
CA ASP C 73 -28.92 -21.28 10.72
C ASP C 73 -28.67 -21.43 9.22
N THR C 74 -27.43 -21.77 8.86
CA THR C 74 -27.06 -21.88 7.45
C THR C 74 -27.83 -22.97 6.73
N SER C 75 -28.33 -23.97 7.45
CA SER C 75 -29.14 -25.02 6.82
C SER C 75 -30.41 -24.44 6.23
N VAL C 76 -31.09 -23.55 6.96
CA VAL C 76 -32.29 -22.90 6.46
C VAL C 76 -32.00 -21.57 5.78
N SER C 77 -30.77 -21.06 5.92
CA SER C 77 -30.32 -19.85 5.23
C SER C 77 -31.17 -18.63 5.59
N THR C 78 -31.33 -18.41 6.90
CA THR C 78 -32.07 -17.26 7.41
C THR C 78 -31.26 -16.58 8.51
N ALA C 79 -31.52 -15.29 8.68
CA ALA C 79 -30.87 -14.49 9.72
C ALA C 79 -31.92 -14.02 10.70
N TYR C 80 -31.60 -14.10 11.98
CA TYR C 80 -32.54 -13.76 13.05
C TYR C 80 -32.03 -12.57 13.84
N LEU C 81 -32.97 -11.79 14.37
CA LEU C 81 -32.66 -10.66 15.22
C LEU C 81 -33.55 -10.72 16.45
N GLN C 82 -32.97 -11.10 17.58
CA GLN C 82 -33.70 -11.16 18.84
C GLN C 82 -33.68 -9.79 19.51
N ILE C 83 -34.86 -9.28 19.82
CA ILE C 83 -35.00 -7.99 20.49
C ILE C 83 -35.63 -8.27 21.85
N SER C 84 -34.78 -8.48 22.85
CA SER C 84 -35.26 -8.74 24.20
C SER C 84 -35.59 -7.43 24.90
N SER C 85 -36.71 -7.43 25.64
CA SER C 85 -37.18 -6.24 26.35
C SER C 85 -37.40 -5.08 25.39
N LEU C 86 -38.36 -5.27 24.47
CA LEU C 86 -38.69 -4.24 23.50
C LEU C 86 -39.17 -2.99 24.20
N LYS C 87 -38.71 -1.84 23.70
CA LYS C 87 -39.13 -0.54 24.19
C LYS C 87 -39.96 0.17 23.14
N ALA C 88 -40.81 1.09 23.60
CA ALA C 88 -41.69 1.83 22.68
C ALA C 88 -40.89 2.56 21.62
N GLU C 89 -39.69 3.02 21.96
CA GLU C 89 -38.82 3.63 20.95
C GLU C 89 -38.39 2.62 19.91
N ASP C 90 -38.14 1.37 20.33
CA ASP C 90 -37.67 0.32 19.44
C ASP C 90 -38.82 -0.24 18.60
N SER C 91 -39.48 0.66 17.88
CA SER C 91 -40.62 0.32 17.04
C SER C 91 -40.41 0.89 15.64
N GLY C 92 -40.98 0.21 14.66
CA GLY C 92 -40.92 0.64 13.29
C GLY C 92 -40.81 -0.54 12.36
N VAL C 93 -40.40 -0.26 11.13
CA VAL C 93 -40.23 -1.28 10.10
C VAL C 93 -38.76 -1.68 10.07
N TYR C 94 -38.48 -2.96 10.26
CA TYR C 94 -37.13 -3.49 10.27
C TYR C 94 -36.89 -4.26 8.98
N TYR C 95 -35.92 -3.80 8.20
CA TYR C 95 -35.53 -4.46 6.96
C TYR C 95 -34.17 -5.12 7.13
N CYS C 96 -33.97 -6.22 6.43
CA CYS C 96 -32.67 -6.83 6.29
C CYS C 96 -32.21 -6.71 4.84
N ALA C 97 -31.03 -6.15 4.64
CA ALA C 97 -30.48 -5.91 3.31
C ALA C 97 -29.07 -6.46 3.26
N ARG C 98 -28.67 -6.97 2.10
CA ARG C 98 -27.37 -7.59 1.94
C ARG C 98 -26.32 -6.54 1.55
N GLU C 99 -25.09 -6.79 1.97
CA GLU C 99 -23.95 -5.95 1.60
C GLU C 99 -23.41 -6.47 0.27
N GLY C 100 -24.10 -6.10 -0.81
CA GLY C 100 -23.80 -6.68 -2.11
C GLY C 100 -22.39 -6.36 -2.60
N LEU C 101 -21.96 -5.11 -2.44
CA LEU C 101 -20.66 -4.67 -2.92
C LEU C 101 -19.80 -4.15 -1.78
N ARG C 102 -19.84 -4.83 -0.64
CA ARG C 102 -19.03 -4.49 0.54
C ARG C 102 -19.35 -3.05 0.93
N GLY C 103 -18.36 -2.19 1.11
CA GLY C 103 -18.59 -0.84 1.59
C GLY C 103 -19.09 0.13 0.53
N ARG C 104 -19.73 -0.39 -0.51
CA ARG C 104 -20.28 0.45 -1.57
C ARG C 104 -21.76 0.75 -1.36
N ALA C 105 -22.61 -0.27 -1.29
CA ALA C 105 -24.05 -0.07 -1.20
C ALA C 105 -24.72 -1.36 -0.77
N PHE C 106 -25.99 -1.25 -0.42
CA PHE C 106 -26.86 -2.39 -0.14
C PHE C 106 -27.66 -2.67 -1.41
N ASP C 107 -27.43 -3.82 -2.02
CA ASP C 107 -28.05 -4.09 -3.31
C ASP C 107 -29.53 -4.44 -3.16
N ILE C 108 -29.85 -5.43 -2.34
CA ILE C 108 -31.20 -5.97 -2.25
C ILE C 108 -31.71 -5.77 -0.83
N TRP C 109 -32.92 -5.24 -0.71
CA TRP C 109 -33.52 -4.85 0.55
C TRP C 109 -34.65 -5.79 0.91
N GLY C 110 -35.12 -5.66 2.15
CA GLY C 110 -36.24 -6.45 2.63
C GLY C 110 -37.54 -5.67 2.59
N GLN C 111 -38.65 -6.41 2.54
CA GLN C 111 -39.96 -5.78 2.56
C GLN C 111 -40.29 -5.18 3.92
N GLY C 112 -39.60 -5.61 4.97
CA GLY C 112 -39.82 -5.03 6.27
C GLY C 112 -40.89 -5.76 7.06
N THR C 113 -40.69 -5.79 8.38
CA THR C 113 -41.65 -6.37 9.32
C THR C 113 -41.99 -5.28 10.34
N MET C 114 -43.21 -4.77 10.27
CA MET C 114 -43.62 -3.69 11.15
C MET C 114 -43.81 -4.16 12.58
N VAL C 115 -42.74 -4.05 13.38
CA VAL C 115 -42.80 -4.41 14.79
C VAL C 115 -43.39 -3.23 15.55
N THR C 116 -44.46 -3.48 16.29
CA THR C 116 -45.18 -2.43 17.01
C THR C 116 -45.11 -2.70 18.50
N VAL C 117 -44.59 -1.73 19.25
CA VAL C 117 -44.54 -1.81 20.70
C VAL C 117 -45.75 -1.04 21.21
N SER C 118 -46.87 -1.75 21.36
CA SER C 118 -48.14 -1.16 21.75
C SER C 118 -48.46 -1.57 23.18
N SER C 119 -48.71 -0.56 24.03
CA SER C 119 -49.11 -0.84 25.41
C SER C 119 -50.47 -1.54 25.45
N ALA C 120 -51.40 -1.12 24.60
CA ALA C 120 -52.72 -1.73 24.55
C ALA C 120 -53.00 -2.31 23.17
N SER D 1 -18.20 8.21 15.38
CA SER D 1 -19.17 9.29 15.20
C SER D 1 -19.02 9.96 13.84
N TYR D 2 -19.65 9.38 12.82
CA TYR D 2 -19.68 9.95 11.48
C TYR D 2 -21.09 10.41 11.14
N GLU D 3 -21.18 11.49 10.37
CA GLU D 3 -22.45 12.07 10.00
C GLU D 3 -22.47 12.34 8.50
N LEU D 4 -23.67 12.21 7.92
CA LEU D 4 -23.92 12.58 6.52
C LEU D 4 -25.07 13.59 6.54
N THR D 5 -24.74 14.87 6.70
CA THR D 5 -25.75 15.91 6.73
C THR D 5 -26.28 16.16 5.33
N GLN D 6 -27.61 16.14 5.19
CA GLN D 6 -28.26 16.31 3.91
C GLN D 6 -29.46 17.23 4.13
N PRO D 7 -29.65 18.23 3.26
CA PRO D 7 -30.69 19.23 3.48
C PRO D 7 -32.07 18.59 3.48
N PRO D 8 -33.00 19.11 4.29
CA PRO D 8 -34.30 18.45 4.43
C PRO D 8 -35.21 18.59 3.21
N SER D 9 -35.36 19.81 2.69
CA SER D 9 -36.34 20.09 1.65
C SER D 9 -35.65 20.59 0.39
N VAL D 10 -36.06 20.05 -0.75
CA VAL D 10 -35.62 20.51 -2.06
C VAL D 10 -36.86 20.63 -2.95
N SER D 11 -37.07 21.82 -3.49
CA SER D 11 -38.23 22.12 -4.32
C SER D 11 -37.79 22.38 -5.75
N VAL D 12 -38.53 21.84 -6.72
CA VAL D 12 -38.14 21.94 -8.12
C VAL D 12 -39.37 21.71 -8.99
N SER D 13 -39.52 22.54 -10.01
CA SER D 13 -40.57 22.41 -10.99
C SER D 13 -40.25 21.29 -11.99
N PRO D 14 -41.26 20.73 -12.64
CA PRO D 14 -41.00 19.69 -13.65
C PRO D 14 -40.09 20.21 -14.76
N GLY D 15 -39.16 19.35 -15.19
CA GLY D 15 -38.22 19.70 -16.23
C GLY D 15 -36.93 20.34 -15.74
N GLN D 16 -36.90 20.83 -14.52
CA GLN D 16 -35.70 21.46 -13.97
C GLN D 16 -34.85 20.42 -13.26
N THR D 17 -33.52 20.61 -13.37
CA THR D 17 -32.58 19.70 -12.73
C THR D 17 -32.54 19.99 -11.23
N ALA D 18 -32.66 18.94 -10.43
CA ALA D 18 -32.67 19.05 -8.98
C ALA D 18 -31.35 18.53 -8.42
N ARG D 19 -30.75 19.30 -7.52
CA ARG D 19 -29.46 18.97 -6.92
C ARG D 19 -29.66 18.69 -5.44
N ILE D 20 -29.16 17.54 -4.99
CA ILE D 20 -29.15 17.17 -3.58
C ILE D 20 -27.72 16.86 -3.17
N THR D 21 -27.23 17.54 -2.14
CA THR D 21 -25.83 17.47 -1.74
C THR D 21 -25.72 16.85 -0.36
N CYS D 22 -24.84 15.87 -0.21
CA CYS D 22 -24.55 15.25 1.08
C CYS D 22 -23.22 15.79 1.58
N SER D 23 -23.22 16.34 2.79
CA SER D 23 -22.03 16.95 3.37
C SER D 23 -21.44 16.02 4.42
N GLY D 24 -20.20 15.62 4.22
CA GLY D 24 -19.52 14.76 5.17
C GLY D 24 -18.04 15.08 5.19
N ASP D 25 -17.42 14.83 6.35
CA ASP D 25 -16.00 15.10 6.50
C ASP D 25 -15.22 14.17 5.58
N LYS D 26 -14.54 14.76 4.59
CA LYS D 26 -13.72 14.01 3.63
C LYS D 26 -14.57 12.97 2.89
N LEU D 27 -15.54 13.45 2.13
CA LEU D 27 -16.37 12.58 1.32
C LEU D 27 -15.76 12.28 -0.04
N GLY D 28 -14.59 12.84 -0.34
CA GLY D 28 -13.95 12.54 -1.61
C GLY D 28 -13.48 11.10 -1.71
N ASP D 29 -12.89 10.57 -0.65
CA ASP D 29 -12.37 9.21 -0.67
C ASP D 29 -13.40 8.17 -0.25
N LYS D 30 -14.34 8.52 0.63
CA LYS D 30 -15.38 7.59 1.02
C LYS D 30 -16.35 7.37 -0.14
N TYR D 31 -16.47 6.14 -0.59
CA TYR D 31 -17.43 5.82 -1.63
C TYR D 31 -18.85 6.02 -1.10
N ALA D 32 -19.71 6.60 -1.93
CA ALA D 32 -21.06 6.94 -1.52
C ALA D 32 -22.07 6.13 -2.31
N ALA D 33 -23.28 6.05 -1.76
CA ALA D 33 -24.41 5.39 -2.39
C ALA D 33 -25.65 6.22 -2.15
N TRP D 34 -26.62 6.11 -3.06
CA TRP D 34 -27.83 6.91 -2.99
C TRP D 34 -29.05 6.01 -3.07
N TYR D 35 -29.99 6.21 -2.14
CA TYR D 35 -31.21 5.42 -2.07
C TYR D 35 -32.43 6.33 -2.10
N GLN D 36 -33.43 5.95 -2.89
CA GLN D 36 -34.73 6.60 -2.90
C GLN D 36 -35.77 5.60 -2.42
N GLN D 37 -36.70 6.07 -1.60
CA GLN D 37 -37.81 5.24 -1.14
C GLN D 37 -39.08 6.10 -1.16
N LYS D 38 -39.91 5.86 -2.17
CA LYS D 38 -41.23 6.48 -2.19
C LYS D 38 -42.04 5.96 -1.00
N PRO D 39 -43.00 6.75 -0.51
CA PRO D 39 -43.70 6.36 0.73
C PRO D 39 -44.33 4.97 0.63
N GLY D 40 -44.18 4.21 1.71
CA GLY D 40 -44.69 2.86 1.77
C GLY D 40 -43.99 1.88 0.84
N GLN D 41 -42.69 2.03 0.63
CA GLN D 41 -41.93 1.10 -0.21
C GLN D 41 -40.55 0.91 0.37
N SER D 42 -39.92 -0.21 0.01
CA SER D 42 -38.56 -0.47 0.40
C SER D 42 -37.59 0.43 -0.38
N PRO D 43 -36.51 0.87 0.25
CA PRO D 43 -35.54 1.73 -0.46
C PRO D 43 -34.90 1.00 -1.63
N VAL D 44 -34.58 1.77 -2.68
CA VAL D 44 -33.94 1.26 -3.88
C VAL D 44 -32.66 2.05 -4.13
N LEU D 45 -31.57 1.34 -4.39
CA LEU D 45 -30.31 1.99 -4.70
C LEU D 45 -30.34 2.55 -6.11
N VAL D 46 -29.90 3.81 -6.27
CA VAL D 46 -29.94 4.49 -7.55
C VAL D 46 -28.55 4.91 -8.03
N ILE D 47 -27.72 5.44 -7.14
CA ILE D 47 -26.38 5.90 -7.50
C ILE D 47 -25.41 5.43 -6.43
N TYR D 48 -24.33 4.77 -6.85
CA TYR D 48 -23.26 4.36 -5.94
C TYR D 48 -21.93 4.52 -6.66
N GLN D 49 -20.85 4.40 -5.88
CA GLN D 49 -19.48 4.65 -6.34
C GLN D 49 -19.30 6.08 -6.83
N ASN D 50 -20.26 6.94 -6.50
CA ASN D 50 -20.27 8.38 -6.82
C ASN D 50 -20.45 8.64 -8.30
N THR D 51 -20.39 7.60 -9.13
CA THR D 51 -20.62 7.77 -10.57
C THR D 51 -21.46 6.69 -11.20
N LYS D 52 -21.51 5.48 -10.64
CA LYS D 52 -22.04 4.33 -11.36
C LYS D 52 -23.52 4.13 -11.09
N ARG D 53 -24.21 3.53 -12.06
CA ARG D 53 -25.64 3.28 -11.99
C ARG D 53 -25.90 1.78 -11.99
N PRO D 54 -26.63 1.26 -11.01
CA PRO D 54 -26.95 -0.18 -11.00
C PRO D 54 -27.74 -0.58 -12.24
N SER D 55 -27.85 -1.89 -12.43
CA SER D 55 -28.44 -2.43 -13.64
C SER D 55 -29.94 -2.15 -13.70
N GLY D 56 -30.44 -1.94 -14.92
CA GLY D 56 -31.85 -1.75 -15.14
C GLY D 56 -32.44 -0.52 -14.48
N ILE D 57 -31.77 0.62 -14.60
CA ILE D 57 -32.22 1.85 -13.97
C ILE D 57 -32.26 2.95 -15.03
N PRO D 58 -33.13 3.95 -14.90
CA PRO D 58 -33.11 5.08 -15.84
C PRO D 58 -31.80 5.84 -15.74
N GLU D 59 -31.39 6.39 -16.89
CA GLU D 59 -30.10 7.08 -16.99
C GLU D 59 -30.16 8.53 -16.51
N ARG D 60 -31.34 9.03 -16.15
CA ARG D 60 -31.48 10.43 -15.79
C ARG D 60 -30.79 10.78 -14.48
N PHE D 61 -30.36 9.80 -13.70
CA PHE D 61 -29.64 10.06 -12.46
C PHE D 61 -28.15 10.10 -12.71
N SER D 62 -27.47 11.04 -12.05
CA SER D 62 -26.03 11.17 -12.18
C SER D 62 -25.47 11.78 -10.91
N GLY D 63 -24.34 11.25 -10.47
CA GLY D 63 -23.73 11.73 -9.23
C GLY D 63 -22.31 12.21 -9.39
N SER D 64 -21.85 13.03 -8.45
CA SER D 64 -20.48 13.51 -8.43
C SER D 64 -20.11 13.87 -7.01
N SER D 65 -18.83 13.68 -6.68
CA SER D 65 -18.33 13.99 -5.35
C SER D 65 -17.03 14.76 -5.47
N SER D 66 -16.88 15.79 -4.63
CA SER D 66 -15.68 16.60 -4.63
C SER D 66 -15.57 17.29 -3.28
N GLY D 67 -14.41 17.20 -2.66
CA GLY D 67 -14.23 17.79 -1.34
C GLY D 67 -15.15 17.13 -0.33
N ASN D 68 -15.84 17.96 0.45
CA ASN D 68 -16.74 17.49 1.49
C ASN D 68 -18.19 17.38 1.02
N THR D 69 -18.41 17.16 -0.27
CA THR D 69 -19.79 17.09 -0.77
C THR D 69 -19.90 16.07 -1.90
N ALA D 70 -20.98 15.32 -1.89
CA ALA D 70 -21.38 14.46 -2.99
C ALA D 70 -22.78 14.84 -3.42
N THR D 71 -22.98 14.98 -4.73
CA THR D 71 -24.21 15.53 -5.26
C THR D 71 -24.79 14.60 -6.31
N LEU D 72 -26.10 14.34 -6.22
CA LEU D 72 -26.84 13.60 -7.23
C LEU D 72 -27.72 14.57 -7.99
N THR D 73 -27.63 14.54 -9.31
CA THR D 73 -28.37 15.43 -10.18
C THR D 73 -29.31 14.64 -11.06
N ILE D 74 -30.54 15.15 -11.22
CA ILE D 74 -31.55 14.53 -12.07
C ILE D 74 -31.75 15.43 -13.29
N SER D 75 -31.73 14.84 -14.48
CA SER D 75 -31.91 15.59 -15.71
C SER D 75 -33.41 15.77 -15.96
N GLY D 76 -33.97 16.72 -15.23
CA GLY D 76 -35.41 16.96 -15.30
C GLY D 76 -36.16 16.03 -14.38
N THR D 77 -37.06 16.57 -13.57
CA THR D 77 -37.79 15.80 -12.59
C THR D 77 -39.14 15.40 -13.16
N GLN D 78 -39.39 14.10 -13.24
CA GLN D 78 -40.67 13.57 -13.71
C GLN D 78 -41.60 13.36 -12.52
N ALA D 79 -42.71 12.65 -12.75
CA ALA D 79 -43.68 12.41 -11.69
C ALA D 79 -43.29 11.26 -10.77
N MET D 80 -42.29 10.47 -11.12
CA MET D 80 -41.88 9.34 -10.29
C MET D 80 -40.78 9.68 -9.31
N ASP D 81 -40.04 10.77 -9.52
CA ASP D 81 -38.96 11.13 -8.61
C ASP D 81 -39.46 11.77 -7.32
N GLU D 82 -40.76 11.88 -7.14
CA GLU D 82 -41.33 12.46 -5.92
C GLU D 82 -41.15 11.46 -4.78
N ALA D 83 -40.06 11.60 -4.04
CA ALA D 83 -39.77 10.65 -2.97
C ALA D 83 -38.79 11.30 -1.99
N ASP D 84 -38.39 10.52 -1.00
CA ASP D 84 -37.38 10.91 -0.02
C ASP D 84 -36.07 10.23 -0.39
N TYR D 85 -35.01 11.03 -0.57
CA TYR D 85 -33.74 10.54 -1.08
C TYR D 85 -32.74 10.40 0.05
N PHE D 86 -32.06 9.25 0.10
CA PHE D 86 -31.15 8.90 1.17
C PHE D 86 -29.78 8.55 0.59
N CYS D 87 -28.73 9.09 1.18
CA CYS D 87 -27.36 8.81 0.78
C CYS D 87 -26.57 8.26 1.96
N GLN D 88 -25.57 7.44 1.65
CA GLN D 88 -24.80 6.79 2.70
C GLN D 88 -23.38 6.53 2.22
N ALA D 89 -22.47 6.34 3.16
CA ALA D 89 -21.09 6.02 2.88
C ALA D 89 -20.57 5.06 3.95
N TRP D 90 -19.56 4.27 3.59
CA TRP D 90 -18.97 3.29 4.49
C TRP D 90 -17.75 3.88 5.16
N ASP D 91 -17.70 3.79 6.49
CA ASP D 91 -16.58 4.28 7.28
C ASP D 91 -15.96 3.13 8.06
N SER D 92 -14.65 2.97 7.91
CA SER D 92 -13.95 1.91 8.64
C SER D 92 -14.03 2.12 10.14
N ARG D 93 -13.82 3.36 10.58
CA ARG D 93 -13.61 3.61 12.01
C ARG D 93 -14.87 3.30 12.81
N THR D 94 -16.04 3.68 12.32
CA THR D 94 -17.26 3.52 13.08
C THR D 94 -18.24 2.52 12.49
N ASN D 95 -18.75 2.75 11.27
CA ASN D 95 -19.83 1.92 10.76
C ASN D 95 -20.28 2.27 9.35
N TRP D 96 -21.28 1.54 8.86
CA TRP D 96 -22.03 1.87 7.66
C TRP D 96 -22.96 3.06 7.93
N VAL D 97 -22.43 4.28 7.88
CA VAL D 97 -23.21 5.44 8.28
C VAL D 97 -24.27 5.74 7.21
N PHE D 98 -25.38 6.33 7.67
CA PHE D 98 -26.50 6.66 6.80
C PHE D 98 -26.79 8.15 6.89
N GLY D 99 -27.35 8.70 5.80
CA GLY D 99 -27.72 10.10 5.78
C GLY D 99 -29.08 10.35 6.42
N GLY D 100 -29.39 11.64 6.55
CA GLY D 100 -30.65 12.05 7.16
C GLY D 100 -31.84 12.06 6.23
N GLY D 101 -31.63 11.86 4.93
CA GLY D 101 -32.73 11.85 3.98
C GLY D 101 -33.20 13.24 3.61
N THR D 102 -33.54 13.43 2.33
CA THR D 102 -34.03 14.71 1.85
C THR D 102 -35.44 14.56 1.30
N LYS D 103 -36.21 15.64 1.39
CA LYS D 103 -37.56 15.68 0.85
C LYS D 103 -37.53 16.39 -0.49
N LEU D 104 -38.00 15.69 -1.53
CA LEU D 104 -38.01 16.24 -2.89
C LEU D 104 -39.45 16.54 -3.26
N THR D 105 -39.85 17.79 -3.07
CA THR D 105 -41.18 18.24 -3.46
C THR D 105 -41.16 18.70 -4.90
N VAL D 106 -42.07 18.14 -5.71
CA VAL D 106 -42.15 18.44 -7.13
C VAL D 106 -43.54 18.98 -7.43
N LEU D 107 -43.59 20.14 -8.08
CA LEU D 107 -44.85 20.82 -8.34
C LEU D 107 -45.55 20.21 -9.55
N GLY D 108 -46.81 20.62 -9.75
CA GLY D 108 -47.60 20.14 -10.87
C GLY D 108 -48.97 20.78 -10.95
#